data_2W9X
#
_entry.id   2W9X
#
_cell.length_a   75.274
_cell.length_b   75.274
_cell.length_c   141.620
_cell.angle_alpha   90.00
_cell.angle_beta   90.00
_cell.angle_gamma   90.00
#
_symmetry.space_group_name_H-M   'P 43'
#
loop_
_entity.id
_entity.type
_entity.pdbx_description
1 polymer 'PUTATIVE ACETYL XYLAN ESTERASE'
2 non-polymer GLYCEROL
3 water water
#
_entity_poly.entity_id   1
_entity_poly.type   'polypeptide(L)'
_entity_poly.pdbx_seq_one_letter_code
;MKPHALIGLLAGMLLSSSLYAADSTKPLPLHIGGRVLVESPANQPVSYTYSWPAVYFETAFKGQSLTLKFDDDQNIFRLI
VDDKAPVVINKPGKVDYPVESLAPGKHRVRLEKLTETQSTSGRFLGFYTDPSAKPLALPKRKRQIEFIGDSFTVGYGNTS
PSRECTDEELFKTTNSQMAFGPLTAKAFDADYQINASSGFGIVRNYNGTSPDKSLLSLYPYTLNNPDQLYHNKHWKPQVI
VIGLGTNDFSTALNDNERWKTREALHADYVANYVKFVKQLHSNNARAQFILMNSDQSNGEIAEQVGKVVAQLKGGGLHQV
EQIVFKGLDYSGCHWHPSANDDQLLANLLITHLQQKKGIWLEHHHH
;
_entity_poly.pdbx_strand_id   A,B
#
# COMPACT_ATOMS: atom_id res chain seq x y z
N PRO A 27 13.03 1.87 -46.81
CA PRO A 27 12.26 1.99 -45.49
C PRO A 27 13.04 1.27 -44.37
N LEU A 28 13.41 2.02 -43.30
CA LEU A 28 14.25 1.44 -42.25
C LEU A 28 13.47 0.56 -41.27
N PRO A 29 14.12 -0.50 -40.71
CA PRO A 29 13.55 -1.18 -39.55
C PRO A 29 13.17 -0.19 -38.46
N LEU A 30 12.05 -0.47 -37.80
CA LEU A 30 11.41 0.45 -36.86
C LEU A 30 11.10 -0.21 -35.53
N HIS A 31 11.10 0.62 -34.48
CA HIS A 31 10.54 0.24 -33.19
C HIS A 31 9.33 1.13 -32.93
N ILE A 32 8.26 0.52 -32.40
CA ILE A 32 6.97 1.20 -32.23
C ILE A 32 6.60 1.22 -30.76
N GLY A 33 6.16 2.38 -30.28
CA GLY A 33 5.58 2.52 -28.94
C GLY A 33 4.13 2.97 -29.01
N GLY A 34 3.27 2.30 -28.26
CA GLY A 34 1.86 2.62 -28.27
C GLY A 34 1.13 1.69 -29.22
N ARG A 35 -0.18 1.68 -29.12
CA ARG A 35 -1.04 0.80 -29.91
C ARG A 35 -1.14 1.32 -31.33
N VAL A 36 -0.71 0.50 -32.29
CA VAL A 36 -0.87 0.83 -33.72
C VAL A 36 -1.37 -0.40 -34.50
N LEU A 37 -2.23 -0.15 -35.49
CA LEU A 37 -2.63 -1.16 -36.47
C LEU A 37 -1.61 -1.17 -37.61
N VAL A 38 -0.98 -2.33 -37.82
CA VAL A 38 0.05 -2.48 -38.86
C VAL A 38 -0.59 -3.12 -40.08
N GLU A 39 -0.45 -2.50 -41.24
CA GLU A 39 -1.01 -3.02 -42.50
C GLU A 39 0.05 -3.06 -43.61
N SER A 40 0.11 -4.17 -44.34
CA SER A 40 1.15 -4.37 -45.35
C SER A 40 0.60 -4.70 -46.76
N PRO A 41 0.07 -3.68 -47.47
CA PRO A 41 -0.47 -3.93 -48.82
C PRO A 41 0.62 -4.10 -49.88
N GLN A 44 3.37 -1.36 -51.92
CA GLN A 44 3.23 -0.14 -51.15
C GLN A 44 3.92 -0.26 -49.79
N PRO A 45 4.32 0.89 -49.20
CA PRO A 45 4.86 0.90 -47.84
C PRO A 45 3.93 0.27 -46.80
N VAL A 46 4.52 -0.37 -45.80
CA VAL A 46 3.83 -0.79 -44.59
C VAL A 46 3.28 0.47 -43.91
N SER A 47 1.99 0.46 -43.56
CA SER A 47 1.36 1.59 -42.88
C SER A 47 1.08 1.31 -41.41
N TYR A 48 1.18 2.38 -40.61
CA TYR A 48 0.92 2.31 -39.18
C TYR A 48 -0.18 3.31 -38.85
N THR A 49 -1.29 2.78 -38.36
CA THR A 49 -2.48 3.57 -38.04
C THR A 49 -2.64 3.60 -36.52
N TYR A 50 -2.88 4.78 -35.96
CA TYR A 50 -2.93 4.98 -34.51
C TYR A 50 -3.97 6.04 -34.14
N SER A 51 -4.56 5.92 -32.96
CA SER A 51 -5.46 6.97 -32.47
C SER A 51 -5.36 7.22 -30.96
N TRP A 52 -4.86 6.25 -30.20
CA TRP A 52 -4.61 6.49 -28.77
C TRP A 52 -3.47 7.53 -28.64
N PRO A 53 -3.43 8.25 -27.50
CA PRO A 53 -2.46 9.32 -27.32
C PRO A 53 -1.03 8.81 -27.24
N ALA A 54 -0.09 9.72 -27.53
CA ALA A 54 1.34 9.59 -27.20
C ALA A 54 2.08 8.46 -27.90
N VAL A 55 1.52 7.95 -28.99
CA VAL A 55 2.22 6.98 -29.86
C VAL A 55 3.59 7.50 -30.31
N TYR A 56 4.57 6.61 -30.46
CA TYR A 56 5.87 6.97 -31.03
C TYR A 56 6.50 5.88 -31.90
N PHE A 57 7.49 6.33 -32.69
CA PHE A 57 8.23 5.50 -33.65
C PHE A 57 9.71 5.90 -33.54
N GLU A 58 10.59 4.90 -33.49
CA GLU A 58 12.03 5.14 -33.36
C GLU A 58 12.82 4.33 -34.38
N THR A 59 13.88 4.94 -34.92
CA THR A 59 14.78 4.24 -35.84
C THR A 59 16.26 4.59 -35.54
N ALA A 60 17.18 3.81 -36.14
CA ALA A 60 18.63 4.01 -35.95
C ALA A 60 19.41 3.52 -37.17
N PHE A 61 20.54 4.17 -37.43
CA PHE A 61 21.32 3.92 -38.62
C PHE A 61 22.59 4.77 -38.63
N GLY A 63 23.81 6.51 -41.84
CA GLY A 63 23.78 7.39 -43.03
C GLY A 63 23.60 8.88 -42.69
N GLN A 64 23.38 9.68 -43.80
CA GLN A 64 23.27 11.14 -43.65
C GLN A 64 22.04 11.78 -44.33
N SER A 65 20.93 10.96 -44.50
CA SER A 65 19.65 11.49 -44.98
C SER A 65 18.43 10.67 -44.49
N LEU A 66 17.28 11.34 -44.44
CA LEU A 66 16.03 10.69 -44.00
C LEU A 66 14.79 11.41 -44.57
N THR A 67 13.74 10.55 -44.80
CA THR A 67 12.42 11.05 -45.21
C THR A 67 11.34 10.30 -44.46
N LEU A 68 10.48 11.04 -43.74
CA LEU A 68 9.34 10.42 -43.08
C LEU A 68 8.12 10.55 -44.00
N LYS A 69 7.41 9.46 -44.23
CA LYS A 69 6.19 9.55 -45.02
C LYS A 69 4.98 9.56 -44.11
N PHE A 70 4.15 10.57 -44.29
CA PHE A 70 2.96 10.79 -43.48
C PHE A 70 1.69 10.66 -44.30
N ASP A 71 0.60 10.33 -43.61
CA ASP A 71 -0.76 10.54 -44.09
C ASP A 71 -1.57 10.87 -42.83
N ASP A 72 -1.40 12.09 -42.32
CA ASP A 72 -2.00 12.52 -41.05
C ASP A 72 -2.27 14.02 -41.04
N ASP A 73 -3.53 14.40 -41.28
CA ASP A 73 -3.94 15.79 -41.14
C ASP A 73 -4.65 16.03 -39.80
N GLN A 74 -4.39 15.14 -38.84
CA GLN A 74 -5.11 15.12 -37.55
C GLN A 74 -4.26 15.47 -36.34
N ASN A 75 -2.97 15.14 -36.38
CA ASN A 75 -2.08 15.27 -35.23
C ASN A 75 -0.97 16.32 -35.37
N ILE A 76 -0.53 16.84 -34.21
CA ILE A 76 0.74 17.54 -34.11
C ILE A 76 1.76 16.55 -33.57
N PHE A 77 2.95 16.60 -34.15
CA PHE A 77 4.05 15.68 -33.83
C PHE A 77 5.29 16.41 -33.33
N ARG A 78 6.20 15.65 -32.73
CA ARG A 78 7.51 16.12 -32.32
CA ARG A 78 7.52 16.17 -32.42
C ARG A 78 8.60 15.15 -32.83
N LEU A 79 9.58 15.66 -33.57
CA LEU A 79 10.67 14.85 -34.09
C LEU A 79 11.96 15.08 -33.31
N ILE A 80 12.57 14.00 -32.84
CA ILE A 80 13.74 14.08 -31.98
C ILE A 80 14.94 13.33 -32.62
N VAL A 81 15.92 14.09 -33.11
CA VAL A 81 17.06 13.53 -33.86
C VAL A 81 18.32 13.34 -33.00
N LYS A 84 19.42 16.08 -30.12
CA LYS A 84 19.09 17.47 -30.41
C LYS A 84 17.73 17.87 -29.81
N ALA A 85 17.40 19.15 -29.90
CA ALA A 85 16.09 19.66 -29.48
C ALA A 85 14.98 19.18 -30.42
N PRO A 86 13.75 19.01 -29.90
CA PRO A 86 12.64 18.56 -30.74
C PRO A 86 12.20 19.60 -31.78
N VAL A 87 11.68 19.10 -32.91
CA VAL A 87 11.08 19.95 -33.95
C VAL A 87 9.61 19.57 -34.13
N VAL A 88 8.75 20.59 -34.23
CA VAL A 88 7.31 20.40 -34.37
C VAL A 88 6.92 20.09 -35.82
N ILE A 89 6.06 19.09 -36.01
CA ILE A 89 5.47 18.81 -37.32
C ILE A 89 3.94 18.81 -37.18
N ASN A 90 3.32 19.89 -37.66
CA ASN A 90 1.90 20.16 -37.46
C ASN A 90 1.03 19.75 -38.65
N LYS A 91 0.16 18.76 -38.44
CA LYS A 91 -0.82 18.28 -39.45
C LYS A 91 -0.26 18.14 -40.88
N PRO A 92 0.80 17.32 -41.05
CA PRO A 92 1.49 17.26 -42.35
C PRO A 92 0.63 16.77 -43.51
N GLY A 93 -0.38 15.95 -43.20
CA GLY A 93 -1.22 15.37 -44.23
C GLY A 93 -0.49 14.22 -44.90
N LYS A 94 -0.65 14.12 -46.21
CA LYS A 94 -0.04 13.05 -47.01
C LYS A 94 1.15 13.63 -47.76
N VAL A 95 2.31 13.56 -47.13
CA VAL A 95 3.53 14.20 -47.64
C VAL A 95 4.78 13.39 -47.29
N ASP A 96 5.82 13.59 -48.10
CA ASP A 96 7.18 13.16 -47.80
C ASP A 96 7.85 14.30 -47.05
N TYR A 97 8.36 14.00 -45.85
CA TYR A 97 9.01 14.99 -44.99
C TYR A 97 10.53 14.74 -44.95
N PRO A 98 11.34 15.64 -45.57
CA PRO A 98 12.80 15.34 -45.75
C PRO A 98 13.71 15.87 -44.61
N ARG A 108 19.90 8.66 -34.36
CA ARG A 108 18.61 8.12 -33.91
C ARG A 108 17.47 9.13 -34.08
N VAL A 109 16.30 8.64 -34.48
CA VAL A 109 15.15 9.51 -34.75
C VAL A 109 13.89 8.98 -34.04
N ARG A 110 13.22 9.88 -33.32
CA ARG A 110 12.01 9.56 -32.58
C ARG A 110 10.88 10.50 -32.99
N LEU A 111 9.82 9.94 -33.56
CA LEU A 111 8.61 10.70 -33.86
C LEU A 111 7.57 10.41 -32.78
N GLU A 112 7.07 11.47 -32.13
CA GLU A 112 6.10 11.31 -31.04
C GLU A 112 4.81 12.07 -31.35
N LYS A 113 3.66 11.39 -31.27
CA LYS A 113 2.35 12.05 -31.33
C LYS A 113 2.11 12.91 -30.06
N LEU A 114 1.65 14.16 -30.25
CA LEU A 114 1.38 15.08 -29.13
C LEU A 114 -0.13 15.23 -28.84
N THR A 115 -0.96 15.24 -29.89
CA THR A 115 -2.36 15.63 -29.73
C THR A 115 -3.34 14.46 -29.49
N GLU A 116 -4.56 14.80 -29.07
CA GLU A 116 -5.60 13.82 -28.83
C GLU A 116 -6.58 13.77 -30.01
N THR A 117 -6.88 12.56 -30.45
CA THR A 117 -7.87 12.29 -31.48
C THR A 117 -8.89 11.25 -30.98
N GLN A 118 -10.04 11.71 -30.51
CA GLN A 118 -11.08 10.81 -30.01
C GLN A 118 -12.03 10.26 -31.09
N SER A 119 -12.10 10.95 -32.23
CA SER A 119 -13.09 10.60 -33.23
C SER A 119 -12.48 10.36 -34.61
N THR A 120 -11.16 10.55 -34.73
CA THR A 120 -10.45 10.31 -35.99
C THR A 120 -9.15 9.53 -35.77
N SER A 121 -8.46 9.25 -36.87
CA SER A 121 -7.22 8.46 -36.89
C SER A 121 -6.16 9.15 -37.74
N GLY A 122 -4.90 8.70 -37.61
CA GLY A 122 -3.78 9.18 -38.44
C GLY A 122 -2.88 8.05 -38.91
N ARG A 123 -2.21 8.24 -40.05
CA ARG A 123 -1.32 7.22 -40.61
C ARG A 123 0.15 7.66 -40.72
N PHE A 124 1.06 6.76 -40.35
CA PHE A 124 2.50 6.93 -40.60
C PHE A 124 3.00 5.79 -41.48
N LEU A 125 3.80 6.14 -42.50
CA LEU A 125 4.16 5.17 -43.52
C LEU A 125 5.64 4.75 -43.55
N GLY A 126 6.42 5.19 -42.51
CA GLY A 126 7.80 4.68 -42.36
C GLY A 126 9.04 5.70 -42.57
N PHE A 127 10.29 5.25 -42.35
CA PHE A 127 11.48 6.09 -42.47
C PHE A 127 12.30 5.75 -43.74
N ALA A 137 20.73 -0.72 -34.86
CA ALA A 137 20.24 -1.38 -33.67
C ALA A 137 19.25 -0.49 -32.92
N LEU A 138 18.01 -0.96 -32.81
CA LEU A 138 16.91 -0.24 -32.20
C LEU A 138 16.91 -0.43 -30.68
N PRO A 139 16.14 0.41 -29.95
CA PRO A 139 15.96 0.28 -28.50
C PRO A 139 15.44 -1.10 -28.09
N LYS A 140 16.06 -1.65 -27.05
CA LYS A 140 15.69 -2.97 -26.53
C LYS A 140 15.38 -2.81 -25.05
N ARG A 141 14.30 -2.07 -24.78
CA ARG A 141 13.90 -1.71 -23.44
C ARG A 141 13.16 -2.88 -22.80
N LYS A 142 13.66 -3.35 -21.65
CA LYS A 142 13.03 -4.45 -20.93
C LYS A 142 11.90 -3.96 -20.03
N ARG A 143 11.96 -2.69 -19.67
CA ARG A 143 10.95 -2.11 -18.81
C ARG A 143 9.77 -1.66 -19.67
N GLN A 144 8.56 -1.97 -19.22
CA GLN A 144 7.32 -1.55 -19.90
C GLN A 144 6.29 -1.05 -18.87
N ILE A 145 5.67 0.09 -19.16
CA ILE A 145 4.68 0.69 -18.25
C ILE A 145 3.47 1.16 -19.05
N GLU A 146 2.27 0.90 -18.55
CA GLU A 146 1.07 1.37 -19.25
C GLU A 146 0.32 2.34 -18.36
N PHE A 147 -0.15 3.44 -18.96
CA PHE A 147 -1.04 4.38 -18.28
C PHE A 147 -2.43 4.29 -18.89
N ILE A 148 -3.43 4.10 -18.03
CA ILE A 148 -4.82 3.97 -18.46
C ILE A 148 -5.55 5.10 -17.76
N GLY A 149 -6.41 5.81 -18.47
CA GLY A 149 -7.05 6.96 -17.86
C GLY A 149 -7.89 7.85 -18.73
N ASP A 150 -8.09 9.06 -18.23
CA ASP A 150 -8.97 10.09 -18.80
C ASP A 150 -8.14 11.32 -19.20
N SER A 151 -8.77 12.49 -19.22
CA SER A 151 -8.11 13.77 -19.57
CA SER A 151 -8.13 13.79 -19.56
C SER A 151 -6.77 13.99 -18.90
N PHE A 152 -6.71 13.71 -17.59
CA PHE A 152 -5.49 13.90 -16.85
C PHE A 152 -4.34 13.08 -17.47
N THR A 153 -4.61 11.82 -17.77
CA THR A 153 -3.61 10.94 -18.35
C THR A 153 -3.20 11.39 -19.77
N VAL A 154 -4.18 11.91 -20.51
CA VAL A 154 -3.98 12.40 -21.88
C VAL A 154 -3.08 13.62 -21.93
N GLY A 155 -3.23 14.51 -20.94
CA GLY A 155 -2.50 15.76 -20.93
C GLY A 155 -3.38 16.89 -21.45
N TYR A 156 -4.69 16.66 -21.46
CA TYR A 156 -5.71 17.65 -21.88
C TYR A 156 -5.33 19.08 -21.49
N GLY A 157 -4.99 19.91 -22.48
CA GLY A 157 -4.77 21.33 -22.26
C GLY A 157 -3.62 21.68 -21.33
N ASN A 158 -2.68 20.75 -21.16
CA ASN A 158 -1.64 20.93 -20.16
C ASN A 158 -0.66 22.09 -20.39
N THR A 159 -0.43 22.46 -21.64
CA THR A 159 0.52 23.52 -21.96
C THR A 159 -0.17 24.87 -22.21
N SER A 160 -1.49 24.94 -22.03
CA SER A 160 -2.20 26.21 -22.15
C SER A 160 -1.87 27.10 -20.96
N PRO A 161 -1.50 28.37 -21.24
CA PRO A 161 -1.29 29.35 -20.17
C PRO A 161 -2.61 29.92 -19.64
N SER A 162 -3.70 29.55 -20.31
CA SER A 162 -5.04 30.00 -19.94
C SER A 162 -5.96 28.82 -19.63
N ARG A 163 -6.92 29.06 -18.74
CA ARG A 163 -7.95 28.08 -18.41
C ARG A 163 -9.14 28.24 -19.31
N GLU A 164 -9.19 29.37 -20.00
CA GLU A 164 -10.19 29.64 -21.01
C GLU A 164 -9.64 29.20 -22.38
N CYS A 165 -10.26 28.19 -22.99
CA CYS A 165 -9.79 27.64 -24.27
C CYS A 165 -10.96 27.30 -25.18
N THR A 166 -10.92 27.84 -26.41
CA THR A 166 -11.77 27.35 -27.49
C THR A 166 -11.36 25.91 -27.81
N ASP A 167 -12.13 25.26 -28.67
CA ASP A 167 -11.82 23.88 -29.09
C ASP A 167 -10.47 23.79 -29.80
N GLU A 168 -10.18 24.79 -30.63
CA GLU A 168 -8.89 24.90 -31.33
C GLU A 168 -7.71 25.08 -30.38
N GLU A 169 -7.86 25.99 -29.42
CA GLU A 169 -6.81 26.22 -28.41
C GLU A 169 -6.55 24.97 -27.58
N LEU A 170 -7.63 24.25 -27.23
CA LEU A 170 -7.55 23.01 -26.47
C LEU A 170 -6.74 21.94 -27.22
N PHE A 171 -7.08 21.72 -28.48
CA PHE A 171 -6.35 20.74 -29.29
C PHE A 171 -4.87 21.06 -29.31
N LYS A 172 -4.54 22.33 -29.58
CA LYS A 172 -3.18 22.78 -29.83
C LYS A 172 -2.27 22.75 -28.61
N THR A 173 -2.87 22.96 -27.42
CA THR A 173 -2.11 23.02 -26.18
C THR A 173 -2.09 21.70 -25.41
N THR A 174 -2.76 20.69 -25.96
CA THR A 174 -2.70 19.33 -25.39
C THR A 174 -1.41 18.69 -25.87
N ASN A 175 -0.53 18.33 -24.94
CA ASN A 175 0.71 17.66 -25.27
C ASN A 175 0.86 16.42 -24.39
N SER A 176 0.53 15.26 -24.96
CA SER A 176 0.53 14.02 -24.18
C SER A 176 1.93 13.62 -23.74
N GLN A 177 2.94 14.06 -24.48
CA GLN A 177 4.33 13.73 -24.14
C GLN A 177 4.85 14.51 -22.92
N MET A 178 4.14 15.58 -22.54
CA MET A 178 4.45 16.33 -21.32
CA MET A 178 4.46 16.34 -21.32
C MET A 178 3.58 15.92 -20.14
N ALA A 179 2.62 15.00 -20.39
CA ALA A 179 1.78 14.46 -19.32
C ALA A 179 2.62 13.53 -18.44
N PHE A 180 2.13 13.21 -17.25
CA PHE A 180 2.92 12.41 -16.29
C PHE A 180 3.37 11.02 -16.77
N GLY A 181 2.56 10.40 -17.63
CA GLY A 181 2.83 9.04 -18.11
C GLY A 181 4.12 8.88 -18.89
N PRO A 182 4.23 9.57 -20.05
CA PRO A 182 5.49 9.55 -20.79
C PRO A 182 6.69 10.06 -19.99
N LEU A 183 6.49 11.01 -19.07
CA LEU A 183 7.60 11.51 -18.24
C LEU A 183 8.13 10.44 -17.29
N THR A 184 7.20 9.77 -16.60
CA THR A 184 7.47 8.62 -15.75
C THR A 184 8.21 7.52 -16.53
N ALA A 185 7.65 7.10 -17.66
CA ALA A 185 8.28 6.05 -18.49
C ALA A 185 9.74 6.40 -18.87
N LYS A 186 9.93 7.63 -19.34
CA LYS A 186 11.24 8.09 -19.78
C LYS A 186 12.26 8.13 -18.65
N ALA A 187 11.81 8.29 -17.41
CA ALA A 187 12.71 8.28 -16.26
C ALA A 187 13.36 6.91 -16.05
N PHE A 188 12.63 5.85 -16.38
CA PHE A 188 13.15 4.48 -16.23
C PHE A 188 13.61 3.85 -17.55
N ASP A 189 13.54 4.62 -18.64
CA ASP A 189 13.82 4.14 -20.02
C ASP A 189 12.93 2.92 -20.36
N ALA A 190 11.66 3.07 -20.04
CA ALA A 190 10.64 2.05 -20.25
C ALA A 190 9.81 2.39 -21.48
N ASP A 191 9.42 1.37 -22.26
CA ASP A 191 8.46 1.60 -23.33
C ASP A 191 7.12 1.86 -22.71
N TYR A 192 6.31 2.70 -23.33
CA TYR A 192 5.03 3.04 -22.73
C TYR A 192 3.89 3.04 -23.70
N GLN A 193 2.71 2.73 -23.16
CA GLN A 193 1.45 2.89 -23.87
C GLN A 193 0.62 3.80 -23.00
N ILE A 194 -0.02 4.79 -23.62
CA ILE A 194 -0.92 5.70 -22.91
C ILE A 194 -2.34 5.49 -23.46
N ASN A 195 -3.09 4.62 -22.80
CA ASN A 195 -4.44 4.31 -23.24
C ASN A 195 -5.49 5.09 -22.48
N ALA A 196 -5.72 6.32 -22.93
CA ALA A 196 -6.57 7.24 -22.22
C ALA A 196 -7.39 8.06 -23.20
N SER A 197 -8.54 8.54 -22.73
CA SER A 197 -9.45 9.31 -23.56
C SER A 197 -10.22 10.24 -22.63
N SER A 198 -10.22 11.52 -23.00
CA SER A 198 -10.82 12.60 -22.21
C SER A 198 -12.32 12.46 -21.96
N GLY A 199 -12.74 12.65 -20.71
CA GLY A 199 -14.16 12.64 -20.39
C GLY A 199 -14.70 11.30 -19.93
N PHE A 200 -13.91 10.23 -20.06
CA PHE A 200 -14.41 8.89 -19.79
C PHE A 200 -14.17 8.40 -18.37
N GLY A 201 -15.04 7.50 -17.91
CA GLY A 201 -14.95 6.95 -16.54
C GLY A 201 -14.85 5.44 -16.55
N ILE A 202 -14.89 4.84 -15.36
CA ILE A 202 -14.99 3.38 -15.22
C ILE A 202 -16.33 2.86 -15.76
N VAL A 203 -17.43 3.46 -15.27
CA VAL A 203 -18.79 3.11 -15.71
C VAL A 203 -19.54 4.36 -16.21
N ARG A 204 -19.17 5.54 -15.70
CA ARG A 204 -19.88 6.79 -16.02
C ARG A 204 -18.92 7.87 -16.48
N ASN A 205 -19.34 8.62 -17.49
CA ASN A 205 -18.48 9.60 -18.12
C ASN A 205 -18.91 11.00 -17.72
N TYR A 206 -18.09 11.99 -18.07
CA TYR A 206 -18.34 13.36 -17.64
C TYR A 206 -19.80 13.74 -17.78
N ASN A 207 -20.43 14.11 -16.66
CA ASN A 207 -21.83 14.58 -16.64
C ASN A 207 -22.85 13.60 -17.25
N GLY A 208 -22.51 12.32 -17.28
CA GLY A 208 -23.40 11.32 -17.86
C GLY A 208 -23.42 11.30 -19.38
N THR A 209 -22.38 11.88 -20.00
CA THR A 209 -22.22 11.83 -21.46
C THR A 209 -21.83 10.42 -21.94
N SER A 210 -22.00 10.18 -23.23
CA SER A 210 -21.89 8.85 -23.83
C SER A 210 -22.31 7.70 -22.89
N PRO A 211 -23.59 7.63 -22.50
CA PRO A 211 -24.00 6.60 -21.55
C PRO A 211 -23.86 5.16 -22.09
N ASP A 212 -23.65 5.04 -23.40
CA ASP A 212 -23.49 3.75 -24.07
C ASP A 212 -22.03 3.29 -24.02
N LYS A 213 -21.17 4.14 -23.46
CA LYS A 213 -19.73 3.88 -23.45
C LYS A 213 -19.07 4.14 -22.08
N SER A 214 -17.78 3.77 -21.98
CA SER A 214 -16.89 4.08 -20.84
C SER A 214 -15.43 3.84 -21.28
N LEU A 215 -14.43 4.27 -20.52
CA LEU A 215 -13.05 3.93 -20.86
C LEU A 215 -12.90 2.41 -21.01
N LEU A 216 -13.59 1.65 -20.16
CA LEU A 216 -13.51 0.19 -20.17
C LEU A 216 -14.06 -0.47 -21.43
N SER A 217 -15.13 0.11 -22.00
CA SER A 217 -15.66 -0.37 -23.27
C SER A 217 -14.75 0.02 -24.45
N LEU A 218 -14.02 1.14 -24.31
CA LEU A 218 -13.11 1.60 -25.34
C LEU A 218 -11.80 0.83 -25.31
N TYR A 219 -11.45 0.35 -24.13
CA TYR A 219 -10.10 -0.14 -23.84
C TYR A 219 -9.60 -1.33 -24.68
N PRO A 220 -10.48 -2.28 -25.04
CA PRO A 220 -9.94 -3.43 -25.79
C PRO A 220 -9.51 -3.18 -27.24
N TYR A 221 -9.80 -2.00 -27.79
CA TYR A 221 -9.61 -1.78 -29.23
C TYR A 221 -8.36 -1.00 -29.61
N THR A 222 -7.77 -1.37 -30.74
CA THR A 222 -6.55 -0.74 -31.27
C THR A 222 -6.76 0.74 -31.58
N LEU A 223 -7.90 1.08 -32.17
CA LEU A 223 -8.23 2.47 -32.52
C LEU A 223 -9.53 2.92 -31.83
N ASN A 224 -9.97 4.15 -32.09
CA ASN A 224 -11.21 4.68 -31.49
C ASN A 224 -12.48 4.19 -32.19
N ASN A 225 -12.46 2.91 -32.56
CA ASN A 225 -13.58 2.22 -33.19
C ASN A 225 -13.46 0.71 -32.92
N PRO A 226 -14.61 -0.01 -32.87
CA PRO A 226 -14.58 -1.41 -32.46
C PRO A 226 -14.18 -2.42 -33.56
N ASP A 227 -13.47 -1.96 -34.59
CA ASP A 227 -13.12 -2.82 -35.73
C ASP A 227 -11.99 -3.82 -35.49
N GLN A 228 -11.05 -3.47 -34.61
CA GLN A 228 -9.87 -4.31 -34.35
C GLN A 228 -9.56 -4.35 -32.85
N LEU A 229 -9.53 -5.55 -32.29
CA LEU A 229 -9.12 -5.74 -30.89
C LEU A 229 -7.61 -5.79 -30.80
N TYR A 230 -7.07 -5.21 -29.74
CA TYR A 230 -5.61 -5.13 -29.61
C TYR A 230 -5.00 -6.35 -28.93
N HIS A 231 -4.07 -7.01 -29.62
CA HIS A 231 -3.21 -8.00 -28.97
C HIS A 231 -1.77 -7.86 -29.39
N ASN A 232 -0.89 -7.85 -28.39
CA ASN A 232 0.55 -7.89 -28.63
C ASN A 232 1.22 -8.68 -27.51
N LYS A 233 1.65 -9.90 -27.82
CA LYS A 233 2.26 -10.79 -26.84
C LYS A 233 3.59 -10.25 -26.26
N HIS A 234 4.19 -9.29 -26.96
CA HIS A 234 5.39 -8.60 -26.47
C HIS A 234 5.07 -7.40 -25.57
N TRP A 235 3.79 -7.04 -25.48
CA TRP A 235 3.36 -6.00 -24.53
C TRP A 235 2.87 -6.61 -23.23
N LYS A 236 3.73 -6.54 -22.20
CA LYS A 236 3.40 -7.11 -20.88
C LYS A 236 3.99 -6.20 -19.83
N PRO A 237 3.39 -5.01 -19.64
CA PRO A 237 3.92 -4.02 -18.68
C PRO A 237 4.02 -4.61 -17.26
N GLN A 238 5.19 -4.43 -16.65
CA GLN A 238 5.42 -4.80 -15.26
C GLN A 238 4.65 -3.86 -14.33
N VAL A 239 4.34 -2.67 -14.84
CA VAL A 239 3.60 -1.65 -14.07
C VAL A 239 2.40 -1.11 -14.87
N ILE A 240 1.22 -1.12 -14.25
CA ILE A 240 0.02 -0.50 -14.84
C ILE A 240 -0.56 0.57 -13.92
N VAL A 241 -0.61 1.80 -14.43
CA VAL A 241 -1.14 2.94 -13.66
C VAL A 241 -2.49 3.33 -14.25
N ILE A 242 -3.55 3.22 -13.43
CA ILE A 242 -4.91 3.50 -13.87
C ILE A 242 -5.42 4.73 -13.12
N GLY A 243 -5.88 5.73 -13.86
CA GLY A 243 -6.49 6.92 -13.25
C GLY A 243 -7.88 7.19 -13.77
N LEU A 244 -8.90 6.63 -13.12
CA LEU A 244 -10.32 6.76 -13.53
C LEU A 244 -11.25 6.91 -12.31
N GLY A 245 -12.32 7.67 -12.46
CA GLY A 245 -13.22 8.00 -11.33
C GLY A 245 -13.64 9.47 -11.28
N THR A 246 -12.75 10.38 -11.68
CA THR A 246 -13.11 11.80 -11.76
C THR A 246 -14.40 11.98 -12.58
N ASN A 247 -14.45 11.37 -13.77
CA ASN A 247 -15.66 11.52 -14.56
C ASN A 247 -16.87 10.76 -13.99
N ASP A 248 -16.65 9.60 -13.36
CA ASP A 248 -17.75 8.90 -12.69
C ASP A 248 -18.41 9.78 -11.59
N PHE A 249 -17.60 10.55 -10.87
CA PHE A 249 -18.09 11.22 -9.65
C PHE A 249 -18.06 12.74 -9.58
N SER A 250 -17.53 13.40 -10.60
CA SER A 250 -17.38 14.87 -10.53
C SER A 250 -18.70 15.64 -10.54
N THR A 251 -19.77 14.99 -10.98
CA THR A 251 -21.05 15.62 -11.20
C THR A 251 -22.15 14.79 -10.58
N ALA A 252 -23.26 15.45 -10.26
CA ALA A 252 -24.45 14.79 -9.77
C ALA A 252 -25.13 14.01 -10.88
N LEU A 253 -25.75 12.90 -10.50
CA LEU A 253 -26.55 12.11 -11.41
C LEU A 253 -27.69 12.90 -12.01
N ASN A 254 -27.92 12.72 -13.30
CA ASN A 254 -29.12 13.24 -13.97
C ASN A 254 -30.23 12.20 -13.91
N ASP A 255 -31.47 12.65 -14.03
CA ASP A 255 -32.63 11.78 -13.93
C ASP A 255 -32.71 10.69 -15.00
N ASN A 256 -32.08 10.92 -16.15
CA ASN A 256 -32.18 9.95 -17.24
C ASN A 256 -31.02 8.94 -17.33
N GLU A 257 -30.14 8.96 -16.34
CA GLU A 257 -29.04 7.99 -16.25
C GLU A 257 -29.47 6.71 -15.56
N ARG A 258 -28.70 5.63 -15.75
CA ARG A 258 -29.15 4.31 -15.30
C ARG A 258 -28.98 4.09 -13.81
N TRP A 259 -28.12 4.88 -13.18
CA TRP A 259 -27.99 4.84 -11.73
C TRP A 259 -29.02 5.78 -11.13
N LYS A 260 -29.91 5.22 -10.31
CA LYS A 260 -31.01 5.98 -9.71
C LYS A 260 -30.73 6.51 -8.32
N THR A 261 -29.60 6.09 -7.74
CA THR A 261 -29.11 6.57 -6.45
C THR A 261 -27.60 6.62 -6.52
N ARG A 262 -26.98 7.43 -5.65
CA ARG A 262 -25.52 7.51 -5.59
C ARG A 262 -24.90 6.18 -5.22
N GLU A 263 -25.53 5.44 -4.30
CA GLU A 263 -25.05 4.15 -3.85
C GLU A 263 -24.97 3.14 -5.00
N ALA A 264 -25.95 3.18 -5.90
CA ALA A 264 -25.98 2.33 -7.09
C ALA A 264 -24.79 2.63 -8.00
N LEU A 265 -24.46 3.91 -8.13
CA LEU A 265 -23.28 4.30 -8.88
C LEU A 265 -21.98 3.81 -8.25
N HIS A 266 -21.82 4.03 -6.95
CA HIS A 266 -20.68 3.50 -6.19
C HIS A 266 -20.51 1.98 -6.43
N ALA A 267 -21.61 1.25 -6.25
CA ALA A 267 -21.62 -0.22 -6.31
C ALA A 267 -21.19 -0.66 -7.71
N ASP A 268 -21.72 0.01 -8.73
CA ASP A 268 -21.40 -0.33 -10.11
C ASP A 268 -19.96 0.00 -10.47
N TYR A 269 -19.48 1.14 -9.98
CA TYR A 269 -18.09 1.57 -10.19
C TYR A 269 -17.08 0.59 -9.56
N VAL A 270 -17.28 0.27 -8.29
CA VAL A 270 -16.39 -0.64 -7.58
C VAL A 270 -16.36 -2.01 -8.27
N ALA A 271 -17.55 -2.57 -8.54
CA ALA A 271 -17.64 -3.91 -9.15
C ALA A 271 -16.88 -3.98 -10.46
N ASN A 272 -17.06 -2.99 -11.33
CA ASN A 272 -16.42 -2.94 -12.64
C ASN A 272 -14.93 -2.66 -12.60
N TYR A 273 -14.49 -1.82 -11.66
CA TYR A 273 -13.05 -1.53 -11.51
C TYR A 273 -12.33 -2.80 -11.01
N VAL A 274 -12.90 -3.48 -10.01
CA VAL A 274 -12.34 -4.74 -9.51
C VAL A 274 -12.21 -5.78 -10.66
N LYS A 275 -13.29 -5.98 -11.43
CA LYS A 275 -13.29 -6.92 -12.57
C LYS A 275 -12.20 -6.54 -13.59
N PHE A 276 -12.08 -5.24 -13.84
CA PHE A 276 -11.11 -4.74 -14.82
C PHE A 276 -9.68 -5.11 -14.45
N VAL A 277 -9.29 -4.85 -13.20
CA VAL A 277 -7.93 -5.14 -12.75
C VAL A 277 -7.71 -6.65 -12.76
N LYS A 278 -8.73 -7.41 -12.38
CA LYS A 278 -8.72 -8.88 -12.45
C LYS A 278 -8.42 -9.40 -13.86
N GLN A 279 -9.11 -8.90 -14.90
CA GLN A 279 -8.84 -9.37 -16.28
C GLN A 279 -7.40 -9.01 -16.70
N LEU A 280 -6.97 -7.78 -16.42
CA LEU A 280 -5.60 -7.34 -16.73
C LEU A 280 -4.55 -8.28 -16.12
N HIS A 281 -4.77 -8.64 -14.86
CA HIS A 281 -3.90 -9.54 -14.13
C HIS A 281 -3.88 -10.96 -14.73
N SER A 282 -5.06 -11.46 -15.10
CA SER A 282 -5.18 -12.84 -15.57
C SER A 282 -4.47 -13.00 -16.92
N ASN A 283 -4.29 -11.89 -17.63
CA ASN A 283 -3.59 -11.88 -18.91
C ASN A 283 -2.13 -11.49 -18.78
N ASN A 284 -1.75 -11.03 -17.59
CA ASN A 284 -0.42 -10.51 -17.33
C ASN A 284 -0.07 -10.64 -15.86
N ALA A 285 0.51 -11.78 -15.52
CA ALA A 285 0.79 -12.15 -14.12
C ALA A 285 1.85 -11.27 -13.45
N ARG A 286 2.72 -10.66 -14.25
CA ARG A 286 3.79 -9.82 -13.74
C ARG A 286 3.40 -8.34 -13.53
N ALA A 287 2.15 -7.98 -13.86
CA ALA A 287 1.69 -6.61 -13.72
C ALA A 287 1.49 -6.24 -12.26
N GLN A 288 1.99 -5.06 -11.89
CA GLN A 288 1.67 -4.48 -10.60
C GLN A 288 0.92 -3.17 -10.84
N PHE A 289 -0.16 -3.00 -10.07
CA PHE A 289 -1.17 -1.96 -10.32
C PHE A 289 -1.05 -0.79 -9.36
N ILE A 290 -1.14 0.40 -9.93
CA ILE A 290 -1.23 1.62 -9.14
C ILE A 290 -2.52 2.33 -9.52
N LEU A 291 -3.41 2.47 -8.55
CA LEU A 291 -4.69 3.14 -8.79
C LEU A 291 -4.57 4.58 -8.30
N MET A 292 -4.56 5.52 -9.24
CA MET A 292 -4.21 6.91 -8.94
C MET A 292 -5.40 7.88 -9.11
N ASN A 293 -5.66 8.73 -8.10
CA ASN A 293 -6.81 9.65 -8.13
C ASN A 293 -6.55 10.94 -7.34
N SER A 294 -7.39 11.93 -7.56
CA SER A 294 -7.23 13.25 -6.96
C SER A 294 -7.83 13.23 -5.58
N ASP A 295 -7.58 14.28 -4.82
CA ASP A 295 -8.19 14.47 -3.52
C ASP A 295 -9.46 15.35 -3.65
N GLN A 296 -10.06 15.37 -4.84
CA GLN A 296 -11.18 16.28 -5.08
C GLN A 296 -12.54 15.58 -4.96
N SER A 297 -13.61 16.32 -5.27
CA SER A 297 -15.01 15.85 -5.14
C SER A 297 -15.34 15.41 -3.72
N ASN A 298 -14.85 16.19 -2.75
CA ASN A 298 -15.01 15.91 -1.33
C ASN A 298 -14.48 14.54 -0.88
N GLY A 299 -13.51 14.00 -1.63
CA GLY A 299 -12.92 12.71 -1.29
C GLY A 299 -13.72 11.51 -1.80
N GLU A 300 -14.81 11.78 -2.53
CA GLU A 300 -15.69 10.70 -3.01
C GLU A 300 -14.96 9.73 -3.94
N ILE A 301 -14.20 10.27 -4.88
CA ILE A 301 -13.41 9.45 -5.80
C ILE A 301 -12.44 8.56 -5.04
N ALA A 302 -11.66 9.16 -4.14
CA ALA A 302 -10.62 8.41 -3.43
C ALA A 302 -11.21 7.29 -2.61
N GLU A 303 -12.37 7.54 -1.97
CA GLU A 303 -12.99 6.52 -1.12
C GLU A 303 -13.45 5.30 -1.91
N GLN A 304 -14.06 5.52 -3.09
CA GLN A 304 -14.47 4.39 -3.93
C GLN A 304 -13.27 3.57 -4.38
N VAL A 305 -12.16 4.23 -4.73
CA VAL A 305 -10.92 3.52 -5.08
C VAL A 305 -10.33 2.72 -3.89
N GLY A 306 -10.42 3.27 -2.68
CA GLY A 306 -10.05 2.54 -1.45
C GLY A 306 -10.80 1.23 -1.33
N LYS A 307 -12.10 1.26 -1.62
CA LYS A 307 -12.95 0.06 -1.63
C LYS A 307 -12.49 -0.94 -2.71
N VAL A 308 -12.17 -0.42 -3.90
CA VAL A 308 -11.63 -1.24 -5.01
C VAL A 308 -10.37 -1.99 -4.59
N VAL A 309 -9.43 -1.26 -4.00
CA VAL A 309 -8.17 -1.86 -3.54
C VAL A 309 -8.43 -2.94 -2.47
N ALA A 310 -9.25 -2.62 -1.48
CA ALA A 310 -9.60 -3.60 -0.41
C ALA A 310 -10.22 -4.88 -1.00
N GLN A 311 -11.07 -4.71 -2.00
CA GLN A 311 -11.82 -5.81 -2.55
C GLN A 311 -10.94 -6.70 -3.41
N LEU A 312 -10.01 -6.05 -4.11
CA LEU A 312 -9.04 -6.78 -4.91
C LEU A 312 -8.15 -7.63 -4.03
N LYS A 313 -7.58 -7.03 -2.98
CA LYS A 313 -6.77 -7.79 -2.02
C LYS A 313 -7.58 -8.89 -1.32
N GLY A 314 -8.83 -8.61 -0.96
CA GLY A 314 -9.71 -9.60 -0.34
C GLY A 314 -9.94 -10.81 -1.25
N GLY A 315 -9.90 -10.57 -2.56
CA GLY A 315 -10.07 -11.61 -3.57
C GLY A 315 -8.78 -12.36 -3.90
N GLY A 316 -7.66 -11.91 -3.35
CA GLY A 316 -6.37 -12.61 -3.57
C GLY A 316 -5.39 -11.90 -4.49
N LEU A 317 -5.78 -10.73 -4.98
CA LEU A 317 -4.94 -9.95 -5.90
C LEU A 317 -4.34 -8.83 -5.10
N HIS A 318 -3.11 -9.04 -4.63
CA HIS A 318 -2.53 -8.20 -3.61
C HIS A 318 -1.60 -7.11 -4.16
N GLN A 319 -1.14 -7.27 -5.39
CA GLN A 319 -0.17 -6.36 -6.02
C GLN A 319 -0.86 -5.12 -6.60
N VAL A 320 -1.55 -4.41 -5.72
CA VAL A 320 -2.31 -3.23 -6.08
C VAL A 320 -2.18 -2.20 -4.94
N GLU A 321 -1.96 -0.94 -5.34
CA GLU A 321 -1.79 0.16 -4.40
C GLU A 321 -2.58 1.37 -4.88
N GLN A 322 -2.87 2.26 -3.93
CA GLN A 322 -3.53 3.52 -4.22
C GLN A 322 -2.54 4.68 -4.10
N ILE A 323 -2.73 5.67 -4.99
CA ILE A 323 -2.07 6.97 -4.87
C ILE A 323 -3.16 8.02 -4.99
N VAL A 324 -3.19 8.93 -4.02
CA VAL A 324 -4.09 10.06 -4.06
C VAL A 324 -3.22 11.30 -4.22
N PHE A 325 -3.41 12.02 -5.32
CA PHE A 325 -2.56 13.18 -5.54
C PHE A 325 -3.21 14.47 -5.11
N LYS A 326 -2.37 15.42 -4.67
CA LYS A 326 -2.77 16.63 -4.00
C LYS A 326 -1.92 17.81 -4.47
N GLY A 327 -2.47 19.02 -4.33
CA GLY A 327 -1.67 20.24 -4.45
C GLY A 327 -1.29 20.65 -5.85
N LEU A 328 -2.15 20.33 -6.82
CA LEU A 328 -1.99 20.78 -8.20
C LEU A 328 -2.54 22.19 -8.33
N ASP A 329 -2.05 22.96 -9.29
CA ASP A 329 -2.59 24.28 -9.55
C ASP A 329 -3.74 24.25 -10.55
N TYR A 330 -3.85 23.15 -11.31
CA TYR A 330 -4.90 23.00 -12.32
C TYR A 330 -5.05 24.26 -13.22
N SER A 331 -3.93 24.73 -13.78
CA SER A 331 -3.89 25.99 -14.57
C SER A 331 -3.94 25.77 -16.12
N GLY A 332 -4.06 24.52 -16.54
CA GLY A 332 -4.37 24.21 -17.95
C GLY A 332 -5.83 24.42 -18.27
N CYS A 333 -6.21 24.21 -19.53
CA CYS A 333 -7.57 24.43 -20.03
C CYS A 333 -8.64 23.87 -19.11
N HIS A 334 -9.68 24.65 -18.83
CA HIS A 334 -10.84 24.17 -18.06
C HIS A 334 -10.46 23.50 -16.75
N TRP A 335 -9.51 24.12 -16.04
CA TRP A 335 -9.08 23.68 -14.71
C TRP A 335 -8.48 22.27 -14.67
N HIS A 336 -7.70 21.95 -15.72
CA HIS A 336 -7.00 20.68 -15.83
C HIS A 336 -5.55 20.81 -15.42
N PRO A 337 -4.88 19.68 -15.10
CA PRO A 337 -3.46 19.76 -14.75
C PRO A 337 -2.62 20.50 -15.79
N SER A 338 -1.76 21.39 -15.28
CA SER A 338 -0.78 22.12 -16.08
C SER A 338 0.42 21.22 -16.30
N ALA A 339 1.34 21.67 -17.16
CA ALA A 339 2.62 20.99 -17.38
C ALA A 339 3.40 20.82 -16.06
N ASN A 340 3.46 21.89 -15.25
CA ASN A 340 3.97 21.85 -13.87
C ASN A 340 3.35 20.70 -13.07
N ASP A 341 2.01 20.67 -13.00
CA ASP A 341 1.25 19.59 -12.35
C ASP A 341 1.67 18.21 -12.86
N ASP A 342 1.83 18.08 -14.19
CA ASP A 342 2.29 16.82 -14.79
C ASP A 342 3.68 16.41 -14.31
N GLN A 343 4.61 17.37 -14.24
CA GLN A 343 5.94 17.06 -13.69
C GLN A 343 5.86 16.60 -12.23
N LEU A 344 5.04 17.30 -11.45
CA LEU A 344 4.81 16.96 -10.05
C LEU A 344 4.28 15.52 -9.88
N LEU A 345 3.23 15.19 -10.62
CA LEU A 345 2.66 13.82 -10.67
C LEU A 345 3.66 12.76 -11.12
N ALA A 346 4.48 13.10 -12.12
CA ALA A 346 5.55 12.22 -12.58
C ALA A 346 6.59 11.96 -11.49
N ASN A 347 7.05 13.03 -10.85
CA ASN A 347 7.97 12.94 -9.70
C ASN A 347 7.43 12.06 -8.58
N LEU A 348 6.12 12.05 -8.43
CA LEU A 348 5.42 11.25 -7.41
C LEU A 348 5.54 9.76 -7.76
N LEU A 349 5.19 9.44 -9.00
CA LEU A 349 5.26 8.08 -9.52
C LEU A 349 6.70 7.56 -9.53
N ILE A 350 7.61 8.43 -9.98
CA ILE A 350 9.03 8.07 -10.06
C ILE A 350 9.61 7.69 -8.71
N THR A 351 9.38 8.53 -7.70
CA THR A 351 9.85 8.26 -6.36
C THR A 351 9.23 6.98 -5.78
N HIS A 352 7.95 6.77 -6.09
CA HIS A 352 7.20 5.61 -5.63
C HIS A 352 7.79 4.32 -6.22
N LEU A 353 7.98 4.31 -7.55
CA LEU A 353 8.51 3.12 -8.24
C LEU A 353 9.99 2.86 -7.95
N GLN A 354 10.74 3.92 -7.64
CA GLN A 354 12.15 3.78 -7.27
C GLN A 354 12.36 3.09 -5.93
N GLN A 355 11.34 3.09 -5.07
CA GLN A 355 11.42 2.41 -3.77
C GLN A 355 10.98 0.94 -3.84
N LYS A 356 10.45 0.51 -4.98
CA LYS A 356 9.99 -0.87 -5.11
C LYS A 356 11.06 -1.81 -5.70
N LYS A 357 11.70 -2.62 -4.84
CA LYS A 357 12.70 -3.60 -5.27
C LYS A 357 12.15 -4.60 -6.29
N GLY A 358 12.92 -4.83 -7.36
CA GLY A 358 12.58 -5.83 -8.37
C GLY A 358 11.29 -5.60 -9.13
N ILE A 359 10.81 -4.35 -9.13
CA ILE A 359 9.57 -3.96 -9.81
C ILE A 359 9.62 -4.17 -11.33
N TRP A 360 10.82 -4.16 -11.90
CA TRP A 360 10.99 -4.34 -13.34
C TRP A 360 11.34 -5.76 -13.75
N LEU A 361 11.87 -6.54 -12.80
CA LEU A 361 12.25 -7.93 -13.06
C LEU A 361 11.05 -8.87 -13.03
N LYS B 26 26.14 -8.58 41.80
CA LYS B 26 26.47 -7.74 40.61
C LYS B 26 25.45 -7.91 39.45
N PRO B 27 24.65 -6.86 39.14
CA PRO B 27 23.82 -6.89 37.94
C PRO B 27 24.60 -6.50 36.67
N LEU B 28 24.30 -7.16 35.56
CA LEU B 28 24.91 -6.86 34.26
C LEU B 28 24.16 -5.77 33.49
N PRO B 29 24.87 -5.03 32.61
CA PRO B 29 24.14 -4.20 31.63
C PRO B 29 23.22 -5.03 30.76
N LEU B 30 22.02 -4.51 30.51
CA LEU B 30 21.01 -5.24 29.77
C LEU B 30 20.34 -4.34 28.73
N HIS B 31 19.65 -4.99 27.79
CA HIS B 31 18.89 -4.34 26.74
C HIS B 31 17.43 -4.81 26.87
N ILE B 32 16.50 -3.88 26.70
CA ILE B 32 15.07 -4.17 26.88
C ILE B 32 14.30 -4.03 25.56
N GLY B 33 13.52 -5.05 25.25
CA GLY B 33 12.52 -4.95 24.21
C GLY B 33 11.11 -4.86 24.79
N GLY B 34 10.32 -3.95 24.23
CA GLY B 34 8.94 -3.81 24.68
C GLY B 34 8.82 -2.78 25.78
N ARG B 35 7.56 -2.42 26.06
CA ARG B 35 7.22 -1.40 27.04
C ARG B 35 7.45 -1.92 28.44
N VAL B 36 8.30 -1.22 29.18
CA VAL B 36 8.70 -1.61 30.52
C VAL B 36 8.77 -0.37 31.39
N LEU B 37 8.17 -0.45 32.57
CA LEU B 37 8.31 0.57 33.59
C LEU B 37 9.59 0.26 34.36
N VAL B 38 10.62 1.09 34.18
CA VAL B 38 11.88 0.92 34.90
C VAL B 38 11.90 1.79 36.17
N GLU B 39 12.06 1.15 37.32
CA GLU B 39 12.10 1.88 38.58
C GLU B 39 13.39 1.62 39.32
N SER B 40 13.86 2.61 40.07
CA SER B 40 15.11 2.46 40.79
C SER B 40 14.94 2.76 42.28
N PRO B 41 14.14 1.93 43.00
CA PRO B 41 13.89 2.22 44.41
C PRO B 41 15.16 2.04 45.25
N ALA B 42 15.35 2.90 46.25
CA ALA B 42 16.57 2.89 47.07
C ALA B 42 16.82 1.53 47.75
N ASN B 43 18.08 1.09 47.71
CA ASN B 43 18.55 -0.13 48.40
C ASN B 43 17.91 -1.43 47.93
N GLN B 44 17.54 -1.47 46.65
CA GLN B 44 16.92 -2.63 46.00
C GLN B 44 17.40 -2.73 44.55
N PRO B 45 17.33 -3.94 43.95
CA PRO B 45 17.62 -4.06 42.51
C PRO B 45 16.74 -3.15 41.66
N VAL B 46 17.29 -2.73 40.50
CA VAL B 46 16.49 -2.07 39.48
C VAL B 46 15.37 -3.03 39.11
N SER B 47 14.15 -2.50 38.99
CA SER B 47 13.01 -3.33 38.69
C SER B 47 12.37 -2.94 37.37
N TYR B 48 12.11 -3.96 36.56
CA TYR B 48 11.48 -3.80 35.27
C TYR B 48 10.09 -4.41 35.39
N THR B 49 9.07 -3.55 35.35
CA THR B 49 7.66 -3.98 35.39
C THR B 49 7.03 -3.88 33.99
N TYR B 50 6.30 -4.92 33.59
CA TYR B 50 5.73 -5.02 32.23
C TYR B 50 4.35 -5.67 32.22
N SER B 51 3.56 -5.43 31.17
CA SER B 51 2.26 -6.11 31.00
C SER B 51 1.86 -6.37 29.54
N TRP B 52 2.34 -5.52 28.63
CA TRP B 52 2.09 -5.73 27.20
C TRP B 52 2.80 -7.03 26.76
N PRO B 53 2.28 -7.69 25.70
CA PRO B 53 2.86 -8.99 25.35
C PRO B 53 4.31 -8.92 24.84
N ALA B 54 5.01 -10.07 24.87
CA ALA B 54 6.24 -10.30 24.10
C ALA B 54 7.48 -9.47 24.50
N VAL B 55 7.45 -8.91 25.70
CA VAL B 55 8.57 -8.19 26.29
C VAL B 55 9.80 -9.11 26.36
N TYR B 56 10.98 -8.53 26.21
CA TYR B 56 12.23 -9.30 26.33
C TYR B 56 13.40 -8.51 26.93
N PHE B 57 14.34 -9.26 27.50
CA PHE B 57 15.57 -8.71 28.12
C PHE B 57 16.78 -9.50 27.60
N GLU B 58 17.82 -8.77 27.20
CA GLU B 58 19.03 -9.37 26.65
C GLU B 58 20.26 -8.93 27.42
N THR B 59 21.23 -9.85 27.52
CA THR B 59 22.56 -9.53 28.06
C THR B 59 23.67 -10.37 27.43
N ALA B 60 24.92 -9.95 27.68
CA ALA B 60 26.10 -10.59 27.10
C ALA B 60 27.28 -10.44 28.05
N PHE B 61 28.04 -11.52 28.22
CA PHE B 61 29.17 -11.53 29.14
C PHE B 61 30.16 -12.66 28.90
N LYS B 62 31.41 -12.43 29.30
CA LYS B 62 32.40 -13.49 29.40
C LYS B 62 32.40 -13.96 30.85
N GLY B 63 32.15 -15.26 31.04
CA GLY B 63 32.05 -15.86 32.37
C GLY B 63 31.26 -17.16 32.33
N GLN B 64 31.10 -17.80 33.48
CA GLN B 64 30.45 -19.12 33.56
C GLN B 64 29.25 -19.25 34.50
N SER B 65 28.78 -18.13 35.06
CA SER B 65 27.62 -18.15 35.96
C SER B 65 26.64 -17.04 35.65
N LEU B 66 25.35 -17.31 35.90
CA LEU B 66 24.29 -16.32 35.70
C LEU B 66 23.06 -16.65 36.56
N THR B 67 22.50 -15.60 37.17
CA THR B 67 21.24 -15.73 37.89
C THR B 67 20.27 -14.68 37.36
N LEU B 68 19.03 -15.13 37.18
CA LEU B 68 17.93 -14.23 36.85
C LEU B 68 17.10 -14.04 38.11
N LYS B 69 16.92 -12.77 38.50
CA LYS B 69 16.04 -12.44 39.62
C LYS B 69 14.67 -12.11 39.09
N PHE B 70 13.68 -12.88 39.54
CA PHE B 70 12.29 -12.70 39.10
C PHE B 70 11.41 -12.17 40.23
N ASP B 71 10.38 -11.41 39.87
CA ASP B 71 9.20 -11.23 40.71
C ASP B 71 7.99 -11.29 39.79
N ASP B 72 7.67 -12.51 39.35
CA ASP B 72 6.64 -12.72 38.34
C ASP B 72 6.00 -14.12 38.46
N ASP B 73 4.80 -14.16 39.03
CA ASP B 73 4.00 -15.38 39.07
C ASP B 73 2.84 -15.33 38.06
N GLN B 74 2.96 -14.46 37.06
CA GLN B 74 1.89 -14.23 36.10
C GLN B 74 2.19 -14.78 34.72
N ASN B 75 3.47 -14.85 34.37
CA ASN B 75 3.91 -15.22 33.02
C ASN B 75 4.63 -16.56 32.89
N ILE B 76 4.54 -17.14 31.71
CA ILE B 76 5.49 -18.16 31.27
C ILE B 76 6.52 -17.42 30.42
N PHE B 77 7.79 -17.82 30.57
CA PHE B 77 8.90 -17.23 29.82
C PHE B 77 9.64 -18.34 29.11
N ARG B 78 10.36 -17.98 28.06
CA ARG B 78 11.46 -18.82 27.62
C ARG B 78 12.81 -18.10 27.74
N LEU B 79 13.84 -18.89 28.02
CA LEU B 79 15.20 -18.38 28.17
C LEU B 79 16.08 -18.95 27.06
N ILE B 80 16.72 -18.07 26.31
CA ILE B 80 17.55 -18.49 25.20
C ILE B 80 19.02 -18.14 25.46
N VAL B 81 19.82 -19.18 25.72
CA VAL B 81 21.25 -19.06 25.97
C VAL B 81 22.02 -19.44 24.70
N ASP B 82 22.73 -18.48 24.14
CA ASP B 82 23.55 -18.67 22.91
C ASP B 82 22.80 -19.30 21.72
N ASP B 83 23.25 -20.48 21.30
CA ASP B 83 22.67 -21.18 20.15
C ASP B 83 21.83 -22.38 20.59
N LYS B 84 21.51 -22.44 21.89
CA LYS B 84 20.79 -23.56 22.49
C LYS B 84 19.29 -23.40 22.35
N ALA B 85 18.57 -24.52 22.49
CA ALA B 85 17.11 -24.51 22.46
C ALA B 85 16.56 -23.71 23.65
N PRO B 86 15.36 -23.09 23.49
CA PRO B 86 14.81 -22.31 24.59
C PRO B 86 14.39 -23.19 25.78
N VAL B 87 14.62 -22.71 26.99
CA VAL B 87 14.17 -23.41 28.18
C VAL B 87 12.98 -22.66 28.81
N VAL B 88 11.91 -23.41 29.10
CA VAL B 88 10.67 -22.85 29.65
C VAL B 88 10.82 -22.49 31.14
N ILE B 89 10.43 -21.25 31.48
CA ILE B 89 10.33 -20.82 32.88
C ILE B 89 8.90 -20.37 33.17
N ASN B 90 8.20 -21.18 33.95
CA ASN B 90 6.76 -21.09 34.14
C ASN B 90 6.36 -20.45 35.47
N LYS B 91 5.86 -19.21 35.44
CA LYS B 91 5.49 -18.48 36.66
C LYS B 91 6.52 -18.67 37.79
N PRO B 92 7.77 -18.22 37.58
CA PRO B 92 8.84 -18.42 38.55
C PRO B 92 8.56 -17.81 39.93
N GLY B 93 7.75 -16.76 39.96
CA GLY B 93 7.40 -16.06 41.20
C GLY B 93 8.50 -15.13 41.68
N LYS B 94 8.60 -14.98 42.99
CA LYS B 94 9.66 -14.17 43.60
C LYS B 94 10.81 -15.09 43.94
N VAL B 95 11.72 -15.29 42.98
CA VAL B 95 12.84 -16.21 43.14
C VAL B 95 14.10 -15.73 42.41
N ASP B 96 15.23 -16.31 42.82
CA ASP B 96 16.48 -16.24 42.05
C ASP B 96 16.62 -17.52 41.24
N TYR B 97 16.70 -17.35 39.92
CA TYR B 97 16.71 -18.48 39.01
C TYR B 97 18.13 -18.76 38.48
N PRO B 98 18.69 -19.93 38.85
CA PRO B 98 20.03 -20.31 38.38
C PRO B 98 20.01 -20.98 37.00
N VAL B 99 20.93 -20.58 36.12
CA VAL B 99 20.87 -20.99 34.71
C VAL B 99 21.42 -22.39 34.46
N HIS B 107 29.10 -15.33 26.23
CA HIS B 107 27.69 -15.74 26.19
C HIS B 107 26.71 -14.63 25.85
N ARG B 108 25.69 -14.97 25.08
CA ARG B 108 24.54 -14.09 24.82
C ARG B 108 23.30 -14.75 25.41
N VAL B 109 22.51 -13.98 26.18
CA VAL B 109 21.32 -14.51 26.85
C VAL B 109 20.08 -13.63 26.60
N ARG B 110 19.00 -14.25 26.13
CA ARG B 110 17.74 -13.56 25.81
C ARG B 110 16.58 -14.21 26.58
N LEU B 111 15.90 -13.43 27.41
CA LEU B 111 14.72 -13.89 28.15
C LEU B 111 13.48 -13.29 27.48
N GLU B 112 12.47 -14.13 27.19
CA GLU B 112 11.25 -13.66 26.51
C GLU B 112 9.97 -14.03 27.26
N LYS B 113 9.09 -13.04 27.43
CA LYS B 113 7.71 -13.28 27.88
C LYS B 113 6.90 -13.92 26.75
N LEU B 114 6.12 -14.95 27.09
CA LEU B 114 5.35 -15.72 26.12
C LEU B 114 3.87 -15.42 26.23
N THR B 115 3.40 -15.22 27.46
CA THR B 115 1.97 -15.19 27.76
C THR B 115 1.40 -13.76 27.80
N GLU B 116 0.07 -13.67 27.80
CA GLU B 116 -0.63 -12.41 27.85
C GLU B 116 -1.19 -12.20 29.25
N THR B 117 -1.05 -10.97 29.74
CA THR B 117 -1.56 -10.52 31.02
C THR B 117 -2.36 -9.25 30.79
N GLN B 118 -3.69 -9.36 30.77
CA GLN B 118 -4.56 -8.19 30.51
C GLN B 118 -4.93 -7.41 31.76
N SER B 119 -4.87 -8.07 32.91
CA SER B 119 -5.33 -7.46 34.15
C SER B 119 -4.28 -7.48 35.25
N THR B 120 -3.05 -7.87 34.93
CA THR B 120 -1.95 -7.89 35.91
C THR B 120 -0.61 -7.48 35.29
N SER B 121 0.42 -7.38 36.12
CA SER B 121 1.77 -7.14 35.62
C SER B 121 2.78 -8.09 36.26
N GLY B 122 4.00 -8.09 35.73
CA GLY B 122 5.09 -8.92 36.28
C GLY B 122 6.36 -8.11 36.40
N ARG B 123 7.27 -8.55 37.24
CA ARG B 123 8.55 -7.86 37.39
C ARG B 123 9.76 -8.76 37.13
N PHE B 124 10.73 -8.22 36.39
CA PHE B 124 12.04 -8.82 36.25
C PHE B 124 13.04 -7.92 36.97
N LEU B 125 13.91 -8.54 37.77
CA LEU B 125 14.86 -7.83 38.61
C LEU B 125 16.32 -7.91 38.14
N GLY B 126 16.56 -8.44 36.94
CA GLY B 126 17.89 -8.38 36.34
C GLY B 126 18.71 -9.65 36.20
N PHE B 127 19.83 -9.52 35.50
CA PHE B 127 20.83 -10.58 35.28
C PHE B 127 22.03 -10.40 36.21
N TYR B 128 22.21 -11.34 37.15
CA TYR B 128 23.24 -11.25 38.18
C TYR B 128 24.39 -12.26 37.98
N THR B 129 25.61 -11.84 38.33
CA THR B 129 26.81 -12.65 38.07
C THR B 129 27.83 -12.57 39.21
N ASP B 130 28.97 -13.21 38.98
CA ASP B 130 30.17 -13.07 39.79
C ASP B 130 30.90 -11.80 39.32
N PRO B 131 31.43 -11.00 40.26
CA PRO B 131 32.03 -9.69 39.94
C PRO B 131 33.22 -9.73 38.97
N SER B 132 33.82 -10.91 38.80
CA SER B 132 34.95 -11.09 37.88
C SER B 132 34.58 -11.12 36.38
N ALA B 133 33.30 -11.29 36.07
CA ALA B 133 32.80 -11.41 34.68
C ALA B 133 32.85 -10.10 33.90
N LYS B 134 33.14 -10.21 32.60
CA LYS B 134 33.25 -9.04 31.73
C LYS B 134 31.95 -8.79 30.95
N PRO B 135 31.30 -7.63 31.20
CA PRO B 135 30.17 -7.23 30.37
C PRO B 135 30.59 -7.16 28.91
N LEU B 136 29.72 -7.63 28.01
CA LEU B 136 30.01 -7.58 26.58
C LEU B 136 28.96 -6.76 25.83
N ALA B 137 29.26 -6.46 24.56
CA ALA B 137 28.41 -5.64 23.73
C ALA B 137 26.99 -6.18 23.66
N LEU B 138 26.04 -5.32 24.00
CA LEU B 138 24.62 -5.60 23.82
C LEU B 138 24.25 -5.36 22.35
N PRO B 139 23.08 -5.86 21.91
CA PRO B 139 22.63 -5.61 20.55
C PRO B 139 22.36 -4.13 20.28
N LYS B 140 22.87 -3.64 19.16
CA LYS B 140 22.67 -2.26 18.72
C LYS B 140 21.83 -2.28 17.45
N ARG B 141 20.58 -2.66 17.58
CA ARG B 141 19.69 -2.81 16.42
C ARG B 141 19.18 -1.44 15.93
N LYS B 142 19.47 -1.12 14.68
CA LYS B 142 19.03 0.14 14.08
C LYS B 142 17.57 0.02 13.67
N ARG B 143 17.19 -1.18 13.23
CA ARG B 143 15.83 -1.44 12.79
C ARG B 143 14.91 -1.59 13.98
N GLN B 144 13.74 -0.97 13.87
CA GLN B 144 12.70 -1.02 14.88
C GLN B 144 11.34 -1.16 14.21
N ILE B 145 10.54 -2.09 14.73
CA ILE B 145 9.21 -2.38 14.20
C ILE B 145 8.20 -2.54 15.36
N GLU B 146 7.01 -1.99 15.18
CA GLU B 146 5.97 -2.07 16.20
C GLU B 146 4.74 -2.75 15.65
N PHE B 147 4.18 -3.68 16.43
CA PHE B 147 2.92 -4.33 16.09
C PHE B 147 1.84 -3.93 17.07
N ILE B 148 0.76 -3.37 16.52
CA ILE B 148 -0.37 -2.90 17.32
C ILE B 148 -1.55 -3.75 16.92
N GLY B 149 -2.29 -4.27 17.89
CA GLY B 149 -3.40 -5.15 17.53
C GLY B 149 -4.18 -5.80 18.64
N ASP B 150 -4.79 -6.92 18.28
CA ASP B 150 -5.75 -7.64 19.10
C ASP B 150 -5.25 -9.06 19.35
N SER B 151 -6.14 -10.02 19.56
CA SER B 151 -5.80 -11.43 19.82
CA SER B 151 -5.75 -11.40 19.85
C SER B 151 -4.88 -12.04 18.77
N PHE B 152 -5.14 -11.72 17.50
CA PHE B 152 -4.30 -12.24 16.41
C PHE B 152 -2.86 -11.78 16.59
N THR B 153 -2.67 -10.51 16.96
CA THR B 153 -1.31 -9.98 17.17
C THR B 153 -0.63 -10.54 18.43
N VAL B 154 -1.40 -10.69 19.51
CA VAL B 154 -0.94 -11.33 20.75
C VAL B 154 -0.44 -12.78 20.53
N GLY B 155 -1.12 -13.53 19.65
CA GLY B 155 -0.84 -14.97 19.51
C GLY B 155 -1.75 -15.81 20.40
N TYR B 156 -2.91 -15.26 20.72
CA TYR B 156 -4.00 -15.96 21.42
C TYR B 156 -4.18 -17.40 20.98
N GLY B 157 -3.92 -18.30 21.93
CA GLY B 157 -4.10 -19.74 21.77
C GLY B 157 -3.38 -20.35 20.59
N ASN B 158 -2.28 -19.74 20.16
CA ASN B 158 -1.69 -20.10 18.85
C ASN B 158 -1.02 -21.49 18.82
N THR B 159 -0.49 -21.94 19.96
CA THR B 159 0.16 -23.26 20.02
C THR B 159 -0.77 -24.36 20.51
N SER B 160 -2.05 -24.05 20.68
CA SER B 160 -3.01 -25.08 21.10
C SER B 160 -3.28 -26.03 19.95
N PRO B 161 -3.22 -27.35 20.21
CA PRO B 161 -3.58 -28.39 19.24
C PRO B 161 -5.10 -28.48 19.06
N SER B 162 -5.82 -27.83 19.98
CA SER B 162 -7.27 -27.92 20.08
C SER B 162 -7.94 -26.54 20.04
N ARG B 163 -9.11 -26.49 19.42
CA ARG B 163 -9.88 -25.27 19.34
C ARG B 163 -10.75 -25.10 20.59
N GLU B 164 -10.89 -26.17 21.36
CA GLU B 164 -11.54 -26.11 22.67
C GLU B 164 -10.46 -25.90 23.72
N CYS B 165 -10.57 -24.78 24.45
CA CYS B 165 -9.60 -24.44 25.48
C CYS B 165 -10.33 -23.81 26.63
N THR B 166 -10.11 -24.36 27.83
CA THR B 166 -10.46 -23.66 29.06
C THR B 166 -9.61 -22.37 29.18
N ASP B 167 -9.91 -21.53 30.15
CA ASP B 167 -9.09 -20.34 30.38
C ASP B 167 -7.62 -20.67 30.69
N GLU B 168 -7.38 -21.71 31.48
CA GLU B 168 -6.03 -22.15 31.81
C GLU B 168 -5.26 -22.69 30.59
N GLU B 169 -5.94 -23.43 29.73
CA GLU B 169 -5.38 -23.96 28.49
C GLU B 169 -5.08 -22.82 27.52
N LEU B 170 -6.00 -21.87 27.46
CA LEU B 170 -5.82 -20.66 26.64
C LEU B 170 -4.59 -19.88 27.10
N PHE B 171 -4.47 -19.65 28.40
CA PHE B 171 -3.30 -18.97 28.94
C PHE B 171 -1.99 -19.68 28.58
N LYS B 172 -1.93 -21.00 28.84
CA LYS B 172 -0.73 -21.84 28.58
C LYS B 172 -0.32 -21.92 27.11
N THR B 173 -1.30 -21.95 26.23
CA THR B 173 -1.03 -22.19 24.82
C THR B 173 -0.77 -20.91 24.04
N THR B 174 -0.89 -19.77 24.72
CA THR B 174 -0.63 -18.47 24.09
C THR B 174 0.89 -18.22 24.12
N ASN B 175 1.50 -18.17 22.93
CA ASN B 175 2.93 -17.88 22.84
C ASN B 175 3.17 -16.70 21.91
N SER B 176 3.34 -15.52 22.50
CA SER B 176 3.47 -14.29 21.73
C SER B 176 4.70 -14.27 20.83
N GLN B 177 5.74 -15.01 21.24
CA GLN B 177 7.02 -15.01 20.52
C GLN B 177 6.94 -15.83 19.25
N MET B 178 5.89 -16.64 19.14
CA MET B 178 5.62 -17.38 17.89
C MET B 178 4.51 -16.76 17.04
N ALA B 179 3.91 -15.68 17.52
CA ALA B 179 3.00 -14.89 16.69
C ALA B 179 3.82 -14.21 15.59
N PHE B 180 3.12 -13.70 14.58
CA PHE B 180 3.77 -13.15 13.38
C PHE B 180 4.66 -11.91 13.61
N GLY B 181 4.39 -11.16 14.68
CA GLY B 181 5.14 -9.94 14.96
C GLY B 181 6.60 -10.15 15.35
N PRO B 182 6.85 -10.87 16.46
CA PRO B 182 8.25 -11.24 16.79
C PRO B 182 8.97 -11.98 15.68
N LEU B 183 8.28 -12.89 14.98
CA LEU B 183 8.89 -13.64 13.88
C LEU B 183 9.29 -12.72 12.73
N THR B 184 8.44 -11.76 12.38
CA THR B 184 8.81 -10.75 11.38
C THR B 184 10.04 -9.91 11.82
N ALA B 185 10.03 -9.40 13.04
CA ALA B 185 11.13 -8.58 13.53
C ALA B 185 12.47 -9.34 13.50
N LYS B 186 12.44 -10.61 13.85
CA LYS B 186 13.66 -11.44 13.92
C LYS B 186 14.31 -11.70 12.56
N ALA B 187 13.48 -11.76 11.50
CA ALA B 187 14.00 -11.92 10.13
C ALA B 187 14.80 -10.71 9.68
N PHE B 188 14.56 -9.56 10.30
CA PHE B 188 15.27 -8.32 9.96
C PHE B 188 16.24 -7.87 11.05
N ASP B 189 16.37 -8.68 12.11
CA ASP B 189 17.11 -8.31 13.32
C ASP B 189 16.73 -6.93 13.84
N ALA B 190 15.42 -6.70 13.98
CA ALA B 190 14.91 -5.44 14.51
C ALA B 190 14.41 -5.62 15.93
N ASP B 191 14.53 -4.57 16.73
CA ASP B 191 13.85 -4.58 18.01
C ASP B 191 12.36 -4.42 17.80
N TYR B 192 11.55 -4.94 18.72
CA TYR B 192 10.10 -4.90 18.51
C TYR B 192 9.33 -4.63 19.77
N GLN B 193 8.19 -3.98 19.58
CA GLN B 193 7.15 -3.83 20.59
C GLN B 193 5.86 -4.43 20.04
N ILE B 194 5.20 -5.23 20.86
CA ILE B 194 3.91 -5.86 20.50
C ILE B 194 2.84 -5.27 21.42
N ASN B 195 2.27 -4.15 21.01
CA ASN B 195 1.25 -3.50 21.80
C ASN B 195 -0.13 -3.95 21.34
N ALA B 196 -0.50 -5.13 21.81
CA ALA B 196 -1.74 -5.77 21.45
C ALA B 196 -2.43 -6.29 22.71
N SER B 197 -3.75 -6.42 22.65
CA SER B 197 -4.51 -6.94 23.77
C SER B 197 -5.72 -7.63 23.18
N SER B 198 -6.02 -8.84 23.65
CA SER B 198 -7.05 -9.68 23.07
C SER B 198 -8.47 -9.14 23.26
N GLY B 199 -9.27 -9.20 22.20
CA GLY B 199 -10.68 -8.79 22.25
C GLY B 199 -10.94 -7.34 21.87
N PHE B 200 -9.88 -6.56 21.67
CA PHE B 200 -10.04 -5.10 21.53
C PHE B 200 -10.09 -4.65 20.06
N GLY B 201 -10.79 -3.54 19.81
CA GLY B 201 -10.92 -2.98 18.47
C GLY B 201 -10.52 -1.52 18.42
N ILE B 202 -10.68 -0.90 17.25
CA ILE B 202 -10.54 0.58 17.09
C ILE B 202 -11.50 1.38 17.98
N VAL B 203 -12.80 1.05 17.91
CA VAL B 203 -13.81 1.73 18.74
C VAL B 203 -14.68 0.73 19.49
N ARG B 204 -14.81 -0.46 18.89
CA ARG B 204 -15.74 -1.48 19.40
C ARG B 204 -14.98 -2.78 19.67
N ASN B 205 -15.17 -3.38 20.84
CA ASN B 205 -14.43 -4.60 21.19
C ASN B 205 -15.31 -5.84 20.96
N TYR B 206 -14.77 -7.04 21.17
CA TYR B 206 -15.53 -8.27 20.91
C TYR B 206 -16.95 -8.25 21.51
N ASN B 207 -17.95 -8.41 20.64
CA ASN B 207 -19.36 -8.38 21.04
C ASN B 207 -19.76 -7.18 21.92
N GLY B 208 -19.16 -6.02 21.67
CA GLY B 208 -19.46 -4.82 22.46
C GLY B 208 -18.98 -4.85 23.90
N THR B 209 -18.08 -5.77 24.25
CA THR B 209 -17.51 -5.85 25.60
C THR B 209 -16.63 -4.63 25.90
N SER B 210 -16.38 -4.38 27.19
CA SER B 210 -15.65 -3.19 27.65
C SER B 210 -16.00 -1.91 26.88
N PRO B 211 -17.28 -1.51 26.86
CA PRO B 211 -17.74 -0.38 26.04
C PRO B 211 -17.10 0.96 26.45
N ASP B 212 -16.49 0.97 27.64
CA ASP B 212 -15.77 2.14 28.18
C ASP B 212 -14.33 2.22 27.65
N LYS B 213 -13.95 1.24 26.83
CA LYS B 213 -12.59 1.07 26.36
C LYS B 213 -12.52 0.68 24.87
N SER B 214 -11.29 0.73 24.35
CA SER B 214 -10.90 0.20 23.05
C SER B 214 -9.38 -0.01 23.13
N LEU B 215 -8.79 -0.59 22.09
CA LEU B 215 -7.33 -0.69 22.03
C LEU B 215 -6.70 0.70 22.10
N LEU B 216 -7.30 1.64 21.38
CA LEU B 216 -6.84 3.03 21.31
C LEU B 216 -6.73 3.72 22.69
N SER B 217 -7.64 3.41 23.61
CA SER B 217 -7.64 4.05 24.94
C SER B 217 -6.59 3.39 25.87
N LEU B 218 -6.26 2.14 25.58
CA LEU B 218 -5.23 1.41 26.32
C LEU B 218 -3.85 1.79 25.83
N TYR B 219 -3.79 2.12 24.54
CA TYR B 219 -2.54 2.31 23.82
C TYR B 219 -1.54 3.31 24.43
N PRO B 220 -2.02 4.43 25.02
CA PRO B 220 -1.05 5.42 25.51
C PRO B 220 -0.23 4.99 26.73
N TYR B 221 -0.58 3.88 27.36
CA TYR B 221 -0.03 3.56 28.67
C TYR B 221 1.02 2.45 28.66
N THR B 222 2.03 2.64 29.52
CA THR B 222 3.14 1.70 29.72
C THR B 222 2.65 0.33 30.18
N LEU B 223 1.60 0.36 31.00
CA LEU B 223 1.05 -0.85 31.58
C LEU B 223 -0.45 -0.94 31.39
N ASN B 224 -1.02 -1.98 32.00
CA ASN B 224 -2.42 -2.33 31.90
C ASN B 224 -3.31 -1.38 32.71
N ASN B 225 -2.76 -0.24 33.09
CA ASN B 225 -3.46 0.78 33.89
C ASN B 225 -3.12 2.22 33.47
N PRO B 226 -4.04 3.19 33.73
CA PRO B 226 -3.92 4.61 33.35
C PRO B 226 -2.85 5.42 34.09
N ASP B 227 -2.03 4.77 34.90
CA ASP B 227 -1.15 5.48 35.83
C ASP B 227 0.09 6.15 35.22
N GLN B 228 0.64 5.59 34.14
CA GLN B 228 1.78 6.23 33.49
C GLN B 228 1.77 6.16 31.97
N LEU B 229 1.93 7.33 31.36
CA LEU B 229 2.03 7.43 29.92
C LEU B 229 3.36 6.88 29.47
N TYR B 230 3.34 6.14 28.37
CA TYR B 230 4.58 5.61 27.83
C TYR B 230 5.30 6.67 26.99
N HIS B 231 6.55 6.94 27.33
CA HIS B 231 7.39 7.81 26.53
C HIS B 231 8.76 7.17 26.40
N ASN B 232 9.23 7.03 25.16
CA ASN B 232 10.58 6.53 24.90
C ASN B 232 11.18 7.18 23.66
N LYS B 233 12.08 8.13 23.89
CA LYS B 233 12.65 8.92 22.80
C LYS B 233 13.45 8.08 21.82
N HIS B 234 13.99 6.96 22.31
CA HIS B 234 14.75 6.05 21.49
C HIS B 234 13.88 5.08 20.70
N TRP B 235 12.60 4.97 21.08
CA TRP B 235 11.66 4.12 20.34
C TRP B 235 10.97 4.92 19.23
N LYS B 236 11.46 4.77 18.01
CA LYS B 236 10.88 5.45 16.86
C LYS B 236 10.85 4.46 15.71
N PRO B 237 9.89 3.52 15.73
CA PRO B 237 9.83 2.47 14.72
C PRO B 237 9.68 3.01 13.30
N GLN B 238 10.49 2.48 12.39
CA GLN B 238 10.37 2.83 10.98
C GLN B 238 9.12 2.20 10.39
N VAL B 239 8.69 1.08 10.97
CA VAL B 239 7.49 0.36 10.51
C VAL B 239 6.52 0.11 11.66
N ILE B 240 5.25 0.44 11.40
CA ILE B 240 4.16 0.17 12.35
C ILE B 240 3.05 -0.64 11.68
N VAL B 241 2.79 -1.83 12.22
CA VAL B 241 1.80 -2.75 11.67
C VAL B 241 0.61 -2.78 12.61
N ILE B 242 -0.54 -2.35 12.12
CA ILE B 242 -1.74 -2.28 12.94
C ILE B 242 -2.75 -3.28 12.38
N GLY B 243 -3.20 -4.19 13.23
CA GLY B 243 -4.23 -5.17 12.84
C GLY B 243 -5.38 -5.03 13.82
N LEU B 244 -6.39 -4.23 13.46
CA LEU B 244 -7.54 -3.99 14.33
C LEU B 244 -8.81 -3.82 13.49
N GLY B 245 -9.93 -4.31 13.98
CA GLY B 245 -11.18 -4.25 13.23
C GLY B 245 -11.98 -5.55 13.25
N THR B 246 -11.32 -6.68 13.48
CA THR B 246 -12.03 -7.96 13.65
C THR B 246 -13.03 -7.84 14.82
N ASN B 247 -12.57 -7.28 15.93
CA ASN B 247 -13.46 -7.13 17.07
C ASN B 247 -14.51 -6.05 16.89
N ASP B 248 -14.19 -5.00 16.14
CA ASP B 248 -15.23 -4.01 15.80
C ASP B 248 -16.37 -4.66 15.03
N PHE B 249 -16.04 -5.57 14.11
CA PHE B 249 -17.03 -6.00 13.10
C PHE B 249 -17.47 -7.47 13.11
N SER B 250 -16.87 -8.31 13.96
CA SER B 250 -17.13 -9.73 13.86
C SER B 250 -18.53 -10.16 14.32
N THR B 251 -19.25 -9.23 14.97
CA THR B 251 -20.56 -9.52 15.56
C THR B 251 -21.52 -8.39 15.24
N ALA B 252 -22.80 -8.73 15.31
CA ALA B 252 -23.88 -7.77 15.19
C ALA B 252 -23.95 -6.87 16.42
N LEU B 253 -24.43 -5.65 16.23
CA LEU B 253 -24.65 -4.73 17.34
C LEU B 253 -25.77 -5.23 18.26
N ASN B 254 -25.52 -5.15 19.57
CA ASN B 254 -26.59 -5.33 20.56
C ASN B 254 -27.37 -4.04 20.74
N ASP B 255 -28.55 -4.14 21.36
CA ASP B 255 -29.44 -3.00 21.57
C ASP B 255 -28.83 -1.93 22.47
N ASN B 256 -28.03 -2.35 23.45
CA ASN B 256 -27.50 -1.42 24.45
C ASN B 256 -26.21 -0.68 24.06
N GLU B 257 -25.73 -0.89 22.85
CA GLU B 257 -24.48 -0.29 22.37
C GLU B 257 -24.70 1.11 21.81
N ARG B 258 -23.65 1.93 21.78
CA ARG B 258 -23.82 3.36 21.48
C ARG B 258 -24.05 3.63 19.99
N TRP B 259 -23.58 2.74 19.13
CA TRP B 259 -23.89 2.80 17.70
C TRP B 259 -25.24 2.14 17.47
N LYS B 260 -26.16 2.87 16.85
CA LYS B 260 -27.53 2.38 16.64
C LYS B 260 -27.79 1.84 15.23
N THR B 261 -26.84 2.05 14.33
CA THR B 261 -26.87 1.49 12.99
C THR B 261 -25.46 1.02 12.66
N ARG B 262 -25.37 0.06 11.74
CA ARG B 262 -24.10 -0.39 11.19
C ARG B 262 -23.32 0.76 10.51
N GLU B 263 -24.02 1.65 9.83
CA GLU B 263 -23.36 2.79 9.17
C GLU B 263 -22.68 3.65 10.23
N ALA B 264 -23.33 3.82 11.39
CA ALA B 264 -22.75 4.59 12.50
C ALA B 264 -21.44 4.02 13.00
N LEU B 265 -21.40 2.69 13.11
CA LEU B 265 -20.21 1.97 13.53
C LEU B 265 -19.08 2.15 12.51
N HIS B 266 -19.39 1.96 11.22
CA HIS B 266 -18.43 2.20 10.14
C HIS B 266 -17.83 3.59 10.19
N ALA B 267 -18.69 4.59 10.32
CA ALA B 267 -18.26 5.98 10.35
C ALA B 267 -17.32 6.23 11.52
N ASP B 268 -17.71 5.76 12.70
CA ASP B 268 -16.94 5.98 13.92
C ASP B 268 -15.61 5.20 13.90
N TYR B 269 -15.62 3.98 13.39
CA TYR B 269 -14.42 3.18 13.19
C TYR B 269 -13.46 3.92 12.25
N VAL B 270 -13.97 4.40 11.12
CA VAL B 270 -13.08 5.01 10.13
C VAL B 270 -12.42 6.29 10.69
N ALA B 271 -13.23 7.15 11.32
CA ALA B 271 -12.74 8.43 11.86
C ALA B 271 -11.65 8.23 12.90
N ASN B 272 -11.86 7.30 13.83
CA ASN B 272 -10.89 7.06 14.88
C ASN B 272 -9.62 6.37 14.43
N TYR B 273 -9.75 5.45 13.48
CA TYR B 273 -8.57 4.80 12.91
C TYR B 273 -7.71 5.86 12.20
N VAL B 274 -8.35 6.72 11.40
CA VAL B 274 -7.63 7.80 10.71
C VAL B 274 -6.96 8.70 11.75
N LYS B 275 -7.72 9.06 12.79
CA LYS B 275 -7.22 9.93 13.86
C LYS B 275 -5.97 9.33 14.51
N PHE B 276 -6.05 8.02 14.80
CA PHE B 276 -4.96 7.30 15.47
C PHE B 276 -3.64 7.29 14.69
N VAL B 277 -3.73 6.94 13.41
CA VAL B 277 -2.55 6.88 12.55
C VAL B 277 -1.93 8.27 12.42
N LYS B 278 -2.76 9.30 12.24
CA LYS B 278 -2.28 10.69 12.24
C LYS B 278 -1.53 11.06 13.53
N GLN B 279 -2.05 10.66 14.68
CA GLN B 279 -1.39 10.95 15.95
C GLN B 279 -0.03 10.26 16.00
N LEU B 280 0.01 8.97 15.64
CA LEU B 280 1.26 8.22 15.59
C LEU B 280 2.28 8.88 14.67
N HIS B 281 1.81 9.32 13.50
CA HIS B 281 2.67 9.99 12.52
C HIS B 281 3.20 11.32 13.07
N SER B 282 2.36 12.04 13.82
CA SER B 282 2.76 13.36 14.32
C SER B 282 3.89 13.28 15.34
N ASN B 283 4.00 12.15 16.03
CA ASN B 283 5.08 11.92 17.02
C ASN B 283 6.29 11.15 16.46
N ASN B 284 6.11 10.57 15.27
CA ASN B 284 7.13 9.77 14.64
C ASN B 284 7.00 9.95 13.12
N ALA B 285 7.59 11.02 12.61
CA ALA B 285 7.49 11.38 11.18
C ALA B 285 8.01 10.32 10.21
N ARG B 286 8.98 9.53 10.65
CA ARG B 286 9.59 8.48 9.82
C ARG B 286 8.74 7.19 9.60
N ALA B 287 7.83 6.91 10.53
CA ALA B 287 7.04 5.67 10.54
C ALA B 287 6.24 5.47 9.25
N GLN B 288 6.35 4.26 8.70
CA GLN B 288 5.52 3.83 7.59
C GLN B 288 4.56 2.76 8.09
N PHE B 289 3.30 2.87 7.68
CA PHE B 289 2.21 2.14 8.31
C PHE B 289 1.67 1.03 7.40
N ILE B 290 1.37 -0.11 8.01
CA ILE B 290 0.73 -1.23 7.30
C ILE B 290 -0.52 -1.63 8.05
N LEU B 291 -1.66 -1.50 7.40
CA LEU B 291 -2.93 -1.83 8.03
C LEU B 291 -3.34 -3.21 7.56
N MET B 292 -3.35 -4.16 8.48
CA MET B 292 -3.41 -5.59 8.15
C MET B 292 -4.68 -6.23 8.71
N ASN B 293 -5.48 -6.84 7.83
CA ASN B 293 -6.74 -7.48 8.25
C ASN B 293 -7.07 -8.74 7.46
N SER B 294 -8.06 -9.48 7.96
CA SER B 294 -8.49 -10.75 7.35
C SER B 294 -9.45 -10.48 6.21
N ASP B 295 -9.71 -11.55 5.45
CA ASP B 295 -10.73 -11.56 4.41
C ASP B 295 -12.06 -12.07 4.98
N GLN B 296 -12.26 -11.94 6.29
CA GLN B 296 -13.47 -12.52 6.87
C GLN B 296 -14.58 -11.49 7.12
N SER B 297 -15.64 -11.92 7.79
CA SER B 297 -16.84 -11.08 8.03
C SER B 297 -17.40 -10.52 6.71
N ASN B 298 -17.43 -11.37 5.68
CA ASN B 298 -17.95 -11.05 4.33
C ASN B 298 -17.26 -9.87 3.65
N GLY B 299 -16.03 -9.59 4.07
CA GLY B 299 -15.23 -8.49 3.53
C GLY B 299 -15.52 -7.15 4.19
N GLU B 300 -16.37 -7.14 5.22
CA GLU B 300 -16.73 -5.87 5.90
C GLU B 300 -15.52 -5.20 6.52
N ILE B 301 -14.64 -5.99 7.13
CA ILE B 301 -13.47 -5.45 7.79
C ILE B 301 -12.49 -4.84 6.78
N ALA B 302 -12.13 -5.62 5.77
CA ALA B 302 -11.23 -5.14 4.71
C ALA B 302 -11.77 -3.84 4.08
N GLU B 303 -13.07 -3.78 3.83
CA GLU B 303 -13.66 -2.60 3.21
C GLU B 303 -13.49 -1.32 4.03
N GLN B 304 -13.69 -1.41 5.35
CA GLN B 304 -13.56 -0.20 6.18
C GLN B 304 -12.13 0.27 6.23
N VAL B 305 -11.21 -0.68 6.29
CA VAL B 305 -9.79 -0.36 6.25
C VAL B 305 -9.41 0.29 4.90
N GLY B 306 -10.02 -0.15 3.80
CA GLY B 306 -9.80 0.51 2.50
C GLY B 306 -10.18 1.99 2.53
N LYS B 307 -11.24 2.30 3.25
CA LYS B 307 -11.73 3.69 3.41
C LYS B 307 -10.75 4.49 4.27
N VAL B 308 -10.22 3.85 5.31
CA VAL B 308 -9.20 4.46 6.19
C VAL B 308 -7.94 4.83 5.40
N VAL B 309 -7.41 3.89 4.63
CA VAL B 309 -6.20 4.15 3.84
C VAL B 309 -6.45 5.32 2.87
N ALA B 310 -7.61 5.29 2.21
CA ALA B 310 -7.97 6.36 1.27
C ALA B 310 -8.09 7.74 1.88
N GLN B 311 -8.67 7.81 3.09
N GLN B 311 -8.73 7.83 3.07
CA GLN B 311 -8.86 9.05 3.82
CA GLN B 311 -8.86 9.11 3.79
C GLN B 311 -7.57 9.59 4.40
C GLN B 311 -7.48 9.60 4.22
N LEU B 312 -6.66 8.69 4.74
CA LEU B 312 -5.33 9.04 5.17
C LEU B 312 -4.55 9.67 4.02
N LYS B 313 -4.51 8.98 2.88
CA LYS B 313 -3.80 9.48 1.69
C LYS B 313 -4.39 10.81 1.20
N GLY B 314 -5.72 10.89 1.18
CA GLY B 314 -6.46 12.09 0.82
C GLY B 314 -6.14 13.29 1.70
N GLY B 315 -5.81 13.02 2.96
CA GLY B 315 -5.38 14.06 3.89
C GLY B 315 -3.90 14.37 3.83
N GLY B 316 -3.16 13.64 3.00
CA GLY B 316 -1.75 13.93 2.83
C GLY B 316 -0.77 13.02 3.55
N LEU B 317 -1.28 11.94 4.15
CA LEU B 317 -0.44 10.95 4.81
C LEU B 317 -0.34 9.73 3.91
N HIS B 318 0.68 9.72 3.05
CA HIS B 318 0.69 8.77 1.98
C HIS B 318 1.40 7.47 2.34
N GLN B 319 2.20 7.47 3.42
CA GLN B 319 3.01 6.29 3.78
C GLN B 319 2.19 5.24 4.54
N VAL B 320 1.12 4.79 3.90
CA VAL B 320 0.24 3.82 4.48
C VAL B 320 -0.23 2.84 3.40
N GLU B 321 -0.27 1.57 3.75
CA GLU B 321 -0.78 0.56 2.85
C GLU B 321 -1.62 -0.51 3.58
N GLN B 322 -2.41 -1.24 2.81
CA GLN B 322 -3.26 -2.28 3.37
C GLN B 322 -2.72 -3.66 3.01
N ILE B 323 -2.81 -4.59 3.96
CA ILE B 323 -2.61 -6.03 3.71
C ILE B 323 -3.87 -6.76 4.15
N VAL B 324 -4.40 -7.57 3.24
CA VAL B 324 -5.53 -8.46 3.55
C VAL B 324 -5.02 -9.90 3.51
N PHE B 325 -5.09 -10.59 4.65
CA PHE B 325 -4.56 -11.95 4.69
C PHE B 325 -5.67 -12.97 4.49
N LYS B 326 -5.28 -14.11 3.92
CA LYS B 326 -6.20 -15.15 3.45
C LYS B 326 -5.59 -16.53 3.70
N GLY B 327 -6.47 -17.53 3.79
CA GLY B 327 -6.04 -18.94 3.70
C GLY B 327 -5.39 -19.47 4.97
N LEU B 328 -5.86 -18.99 6.13
CA LEU B 328 -5.40 -19.51 7.42
C LEU B 328 -6.23 -20.71 7.80
N ASP B 329 -5.69 -21.59 8.65
CA ASP B 329 -6.48 -22.72 9.18
C ASP B 329 -7.22 -22.43 10.48
N TYR B 330 -6.85 -21.34 11.16
CA TYR B 330 -7.48 -20.97 12.43
C TYR B 330 -7.68 -22.17 13.40
N SER B 331 -6.65 -23.01 13.54
CA SER B 331 -6.76 -24.21 14.41
C SER B 331 -6.35 -23.99 15.87
N GLY B 332 -6.00 -22.75 16.24
CA GLY B 332 -5.71 -22.42 17.64
C GLY B 332 -6.97 -22.21 18.46
N CYS B 333 -6.82 -21.89 19.74
CA CYS B 333 -8.01 -21.78 20.62
C CYS B 333 -9.09 -20.91 20.01
N HIS B 334 -10.33 -21.42 20.04
CA HIS B 334 -11.51 -20.67 19.62
C HIS B 334 -11.38 -20.12 18.20
N TRP B 335 -10.90 -20.96 17.29
CA TRP B 335 -10.76 -20.58 15.87
C TRP B 335 -9.86 -19.32 15.68
N HIS B 336 -8.73 -19.28 16.41
CA HIS B 336 -7.71 -18.25 16.19
C HIS B 336 -6.52 -18.76 15.36
N PRO B 337 -5.74 -17.84 14.77
CA PRO B 337 -4.57 -18.28 14.01
C PRO B 337 -3.72 -19.29 14.80
N SER B 338 -3.30 -20.35 14.13
CA SER B 338 -2.37 -21.30 14.68
C SER B 338 -0.94 -20.76 14.54
N ALA B 339 0.01 -21.46 15.17
CA ALA B 339 1.43 -21.15 15.04
C ALA B 339 1.86 -21.22 13.58
N ASN B 340 1.32 -22.21 12.86
CA ASN B 340 1.41 -22.24 11.39
C ASN B 340 0.88 -21.00 10.67
N ASP B 341 -0.34 -20.61 10.97
CA ASP B 341 -0.87 -19.33 10.47
C ASP B 341 0.07 -18.16 10.75
N ASP B 342 0.59 -18.12 11.98
CA ASP B 342 1.54 -17.07 12.43
C ASP B 342 2.78 -17.02 11.55
N GLN B 343 3.42 -18.18 11.33
CA GLN B 343 4.52 -18.26 10.36
C GLN B 343 4.12 -17.81 8.95
N LEU B 344 2.93 -18.20 8.49
CA LEU B 344 2.47 -17.77 7.17
C LEU B 344 2.32 -16.24 7.07
N LEU B 345 1.74 -15.64 8.11
CA LEU B 345 1.56 -14.18 8.14
C LEU B 345 2.90 -13.47 8.23
N ALA B 346 3.83 -14.07 8.97
CA ALA B 346 5.19 -13.53 9.07
C ALA B 346 5.85 -13.51 7.69
N ASN B 347 5.75 -14.63 6.97
CA ASN B 347 6.33 -14.73 5.63
C ASN B 347 5.75 -13.70 4.70
N LEU B 348 4.45 -13.47 4.83
CA LEU B 348 3.77 -12.43 4.05
C LEU B 348 4.38 -11.05 4.30
N LEU B 349 4.53 -10.72 5.58
CA LEU B 349 5.10 -9.44 6.02
C LEU B 349 6.59 -9.30 5.64
N ILE B 350 7.35 -10.36 5.89
CA ILE B 350 8.79 -10.37 5.53
C ILE B 350 9.03 -10.07 4.04
N THR B 351 8.31 -10.78 3.17
CA THR B 351 8.38 -10.57 1.74
C THR B 351 7.97 -9.15 1.34
N HIS B 352 6.89 -8.66 1.95
CA HIS B 352 6.42 -7.30 1.71
C HIS B 352 7.52 -6.30 2.07
N LEU B 353 8.09 -6.45 3.27
CA LEU B 353 9.09 -5.49 3.77
C LEU B 353 10.43 -5.57 3.00
N GLN B 354 10.74 -6.75 2.47
CA GLN B 354 11.93 -6.98 1.66
C GLN B 354 11.89 -6.22 0.34
N GLN B 355 10.70 -5.92 -0.17
CA GLN B 355 10.57 -5.29 -1.47
C GLN B 355 10.61 -3.76 -1.39
N LYS B 356 10.75 -3.23 -0.17
CA LYS B 356 10.64 -1.80 0.06
C LYS B 356 12.02 -1.17 0.30
N LYS B 357 12.56 -0.56 -0.74
CA LYS B 357 13.88 0.09 -0.66
C LYS B 357 13.91 1.19 0.40
N GLY B 358 14.84 1.05 1.34
CA GLY B 358 15.12 2.07 2.34
C GLY B 358 14.05 2.24 3.41
N ILE B 359 13.25 1.20 3.61
CA ILE B 359 12.21 1.23 4.64
C ILE B 359 12.78 1.36 6.05
N TRP B 360 14.03 0.95 6.24
CA TRP B 360 14.70 1.11 7.53
C TRP B 360 15.47 2.44 7.64
N LEU B 361 15.42 3.25 6.57
CA LEU B 361 15.99 4.62 6.53
C LEU B 361 17.48 4.72 6.92
#